data_8JPT
#
_entry.id   8JPT
#
_cell.length_a   196.345
_cell.length_b   154.723
_cell.length_c   65.209
_cell.angle_alpha   90.00
_cell.angle_beta   92.09
_cell.angle_gamma   90.00
#
_symmetry.space_group_name_H-M   'C 1 2 1'
#
loop_
_entity.id
_entity.type
_entity.pdbx_description
1 polymer 'Polyene macrolide polyketide synthase'
2 water water
#
_entity_poly.entity_id   1
_entity_poly.type   'polypeptide(L)'
_entity_poly.pdbx_seq_one_letter_code
;GAFPWPLSGKTETALREQAAELLSVVTEHPEPGLGDVGYSLATGRAAMEHRAVVVADDRDSFVAGLTALAAGVPAANVVQ
GAADCKGKVAFVFPGQGSHWQGMARELSESSPVFRRKLAECAAATAPYVDWSLLGVLRGDPDAPALDRDDVIQLALFAMM
VSLAELWRSCGVEPAAVVGHSQGEIAAAHVAGALSLTDAVRIIAARCDAVSALTGKGGMLAIALPESAVVKRIAGLPELT
VAAVNGPGSTVVSGEPSALERLQTELTAENVQTRRVGIDYASHSPQIAQVQGRLLDRLGEVGSEPAEIAFYSTVTGERTD
TGRLDADYWYQNLRQPVRFQQTVARMADQGYRFFVEVSPHPLLTAGIQETLEAADAGGVVVGSLRRGEGGSRRWLTSLAE
CQVRGLPVNWEQVFLNTG
;
_entity_poly.pdbx_strand_id   A,B,C
#
# COMPACT_ATOMS: atom_id res chain seq x y z
N GLY A 1 2.69 -14.51 -21.73
CA GLY A 1 2.53 -15.91 -22.17
C GLY A 1 3.35 -16.18 -23.42
N ALA A 2 3.92 -17.39 -23.55
CA ALA A 2 4.82 -17.64 -24.70
C ALA A 2 5.09 -19.12 -24.91
N PHE A 3 5.78 -19.44 -26.01
CA PHE A 3 6.12 -20.85 -26.32
C PHE A 3 7.59 -20.92 -26.73
N PRO A 4 8.36 -21.89 -26.22
CA PRO A 4 9.75 -22.01 -26.56
C PRO A 4 9.99 -22.96 -27.74
N TRP A 5 10.57 -22.45 -28.82
CA TRP A 5 10.91 -23.34 -29.96
C TRP A 5 12.42 -23.53 -29.99
N PRO A 6 12.95 -24.62 -29.42
CA PRO A 6 14.39 -24.81 -29.36
C PRO A 6 14.97 -25.23 -30.71
N LEU A 7 16.11 -24.65 -31.10
CA LEU A 7 16.78 -25.04 -32.36
C LEU A 7 18.26 -25.25 -32.05
N SER A 8 18.92 -26.20 -32.71
CA SER A 8 20.32 -26.53 -32.35
C SER A 8 21.10 -27.01 -33.57
N GLY A 9 22.43 -27.07 -33.44
CA GLY A 9 23.29 -27.57 -34.52
C GLY A 9 24.65 -26.91 -34.46
N LYS A 10 25.59 -27.28 -35.32
CA LYS A 10 26.87 -26.54 -35.38
C LYS A 10 26.59 -25.27 -36.20
N THR A 11 27.57 -24.39 -36.41
CA THR A 11 27.24 -23.16 -37.12
C THR A 11 26.64 -23.50 -38.48
N GLU A 12 25.86 -22.58 -39.05
CA GLU A 12 25.31 -22.75 -40.39
C GLU A 12 24.19 -23.79 -40.36
N THR A 13 24.44 -24.91 -39.66
CA THR A 13 23.46 -25.99 -39.58
C THR A 13 22.16 -25.44 -39.01
N ALA A 14 22.29 -24.57 -37.99
CA ALA A 14 21.13 -23.92 -37.40
C ALA A 14 20.41 -23.13 -38.49
N LEU A 15 21.11 -22.17 -39.10
CA LEU A 15 20.54 -21.37 -40.17
C LEU A 15 19.68 -22.28 -41.06
N ARG A 16 20.19 -23.49 -41.33
CA ARG A 16 19.49 -24.46 -42.14
C ARG A 16 18.19 -24.88 -41.44
N GLU A 17 18.30 -25.40 -40.21
CA GLU A 17 17.15 -25.92 -39.49
C GLU A 17 15.99 -24.93 -39.55
N GLN A 18 16.25 -23.65 -39.28
CA GLN A 18 15.18 -22.67 -39.23
C GLN A 18 14.59 -22.50 -40.62
N ALA A 19 15.47 -22.44 -41.63
CA ALA A 19 15.05 -22.33 -43.01
C ALA A 19 14.07 -23.46 -43.35
N ALA A 20 14.46 -24.71 -43.06
CA ALA A 20 13.60 -25.87 -43.30
C ALA A 20 12.30 -25.73 -42.50
N GLU A 21 12.39 -25.25 -41.27
CA GLU A 21 11.23 -25.09 -40.43
C GLU A 21 10.18 -24.21 -41.11
N LEU A 22 10.65 -23.12 -41.72
CA LEU A 22 9.74 -22.15 -42.36
C LEU A 22 9.01 -22.80 -43.53
N LEU A 23 9.49 -23.96 -43.99
CA LEU A 23 8.86 -24.65 -45.14
C LEU A 23 7.52 -25.23 -44.70
N SER A 24 7.37 -25.53 -43.41
CA SER A 24 6.13 -26.19 -42.92
C SER A 24 5.31 -25.27 -42.02
N VAL A 25 5.94 -24.73 -40.98
CA VAL A 25 5.19 -23.94 -39.97
C VAL A 25 4.36 -22.84 -40.62
N VAL A 26 4.97 -22.05 -41.49
CA VAL A 26 4.25 -20.86 -42.03
C VAL A 26 2.84 -21.27 -42.44
N THR A 27 2.72 -22.37 -43.18
CA THR A 27 1.37 -22.83 -43.55
C THR A 27 1.37 -24.34 -43.69
N GLU A 28 1.67 -24.84 -44.88
CA GLU A 28 1.53 -26.30 -45.07
C GLU A 28 0.15 -26.63 -44.49
N HIS A 29 -0.78 -25.68 -44.59
CA HIS A 29 -2.12 -25.87 -43.99
C HIS A 29 -2.49 -27.34 -44.13
N PRO A 30 -2.49 -28.12 -43.03
CA PRO A 30 -2.74 -27.54 -41.70
C PRO A 30 -1.52 -26.84 -41.10
N GLU A 31 -1.67 -25.56 -40.76
CA GLU A 31 -0.57 -24.82 -40.11
C GLU A 31 -0.20 -25.58 -38.84
N PRO A 32 1.07 -25.95 -38.65
CA PRO A 32 1.46 -26.77 -37.50
C PRO A 32 1.12 -26.11 -36.17
N GLY A 33 0.73 -26.92 -35.19
CA GLY A 33 0.44 -26.40 -33.83
C GLY A 33 1.65 -25.73 -33.25
N LEU A 34 1.48 -24.55 -32.67
CA LEU A 34 2.62 -23.77 -32.15
C LEU A 34 3.34 -24.55 -31.05
N GLY A 35 2.58 -25.05 -30.08
CA GLY A 35 3.18 -25.85 -28.99
C GLY A 35 3.65 -27.19 -29.51
N ASP A 36 2.91 -27.74 -30.47
CA ASP A 36 3.26 -29.08 -31.02
C ASP A 36 4.63 -28.98 -31.71
N VAL A 37 4.93 -27.83 -32.29
CA VAL A 37 6.25 -27.63 -32.97
C VAL A 37 7.36 -27.61 -31.92
N GLY A 38 7.23 -26.75 -30.91
CA GLY A 38 8.30 -26.59 -29.94
C GLY A 38 8.70 -27.93 -29.32
N TYR A 39 7.69 -28.70 -28.88
CA TYR A 39 7.92 -29.98 -28.23
C TYR A 39 8.72 -30.89 -29.16
N SER A 40 8.35 -30.94 -30.45
CA SER A 40 9.06 -31.73 -31.43
C SER A 40 10.51 -31.28 -31.57
N LEU A 41 10.71 -29.97 -31.80
CA LEU A 41 12.03 -29.38 -31.97
C LEU A 41 12.92 -29.78 -30.81
N ALA A 42 12.27 -29.98 -29.65
CA ALA A 42 12.93 -30.23 -28.38
C ALA A 42 13.15 -31.73 -28.18
N THR A 43 12.07 -32.53 -28.26
CA THR A 43 12.10 -33.98 -28.15
C THR A 43 12.97 -34.60 -29.25
N GLY A 44 12.69 -34.25 -30.50
CA GLY A 44 13.58 -34.58 -31.61
C GLY A 44 14.73 -33.56 -31.71
N ARG A 45 15.73 -33.89 -32.52
CA ARG A 45 16.73 -32.93 -32.98
C ARG A 45 17.84 -32.71 -31.95
N ALA A 46 17.86 -33.52 -30.88
CA ALA A 46 19.03 -33.56 -30.01
C ALA A 46 19.33 -32.14 -29.50
N ALA A 47 20.63 -31.80 -29.39
CA ALA A 47 21.06 -30.52 -28.83
C ALA A 47 22.55 -30.36 -29.05
N MET A 48 22.93 -29.39 -29.90
CA MET A 48 24.33 -29.31 -30.32
C MET A 48 24.93 -28.01 -29.81
N GLU A 49 26.13 -27.69 -30.30
CA GLU A 49 26.97 -26.67 -29.69
C GLU A 49 26.62 -25.27 -30.20
N HIS A 50 25.67 -25.15 -31.12
CA HIS A 50 25.18 -23.83 -31.53
C HIS A 50 23.66 -23.82 -31.44
N ARG A 51 23.15 -23.05 -30.48
CA ARG A 51 21.76 -23.17 -30.06
C ARG A 51 21.06 -21.83 -30.17
N ALA A 52 19.72 -21.89 -30.15
CA ALA A 52 18.88 -20.71 -30.22
C ALA A 52 17.46 -21.09 -29.83
N VAL A 53 16.72 -20.14 -29.26
CA VAL A 53 15.39 -20.42 -28.77
C VAL A 53 14.52 -19.22 -29.13
N VAL A 54 13.48 -19.48 -29.93
CA VAL A 54 12.56 -18.44 -30.38
C VAL A 54 11.41 -18.38 -29.38
N VAL A 55 11.40 -17.36 -28.52
CA VAL A 55 10.34 -17.23 -27.54
C VAL A 55 9.26 -16.27 -28.06
N ALA A 56 8.07 -16.79 -28.38
CA ALA A 56 6.96 -15.94 -28.78
C ALA A 56 5.62 -16.66 -28.58
N ASP A 57 4.51 -15.99 -28.97
CA ASP A 57 3.17 -16.51 -28.78
C ASP A 57 2.33 -16.45 -30.06
N ASP A 58 2.84 -15.83 -31.13
CA ASP A 58 2.11 -15.77 -32.39
C ASP A 58 2.97 -16.27 -33.55
N ARG A 59 2.32 -16.95 -34.51
CA ARG A 59 3.02 -17.56 -35.63
C ARG A 59 3.83 -16.51 -36.38
N ASP A 60 3.26 -15.29 -36.53
CA ASP A 60 3.95 -14.21 -37.21
C ASP A 60 5.31 -13.98 -36.56
N SER A 61 5.30 -13.81 -35.23
CA SER A 61 6.48 -13.46 -34.47
C SER A 61 7.53 -14.58 -34.56
N PHE A 62 7.09 -15.85 -34.56
CA PHE A 62 8.03 -16.95 -34.71
C PHE A 62 8.76 -16.86 -36.05
N VAL A 63 7.96 -16.74 -37.12
CA VAL A 63 8.48 -16.67 -38.47
C VAL A 63 9.54 -15.57 -38.56
N ALA A 64 9.25 -14.42 -37.94
CA ALA A 64 10.19 -13.31 -37.87
C ALA A 64 11.55 -13.80 -37.35
N GLY A 65 11.53 -14.49 -36.20
CA GLY A 65 12.74 -14.98 -35.57
C GLY A 65 13.44 -16.03 -36.43
N LEU A 66 12.68 -17.02 -36.91
CA LEU A 66 13.21 -18.04 -37.81
C LEU A 66 13.85 -17.37 -39.02
N THR A 67 13.10 -16.47 -39.65
CA THR A 67 13.60 -15.71 -40.79
C THR A 67 14.97 -15.11 -40.45
N ALA A 68 15.07 -14.47 -39.28
CA ALA A 68 16.29 -13.80 -38.87
C ALA A 68 17.40 -14.81 -38.60
N LEU A 69 17.06 -15.94 -37.97
CA LEU A 69 18.04 -16.98 -37.69
C LEU A 69 18.68 -17.47 -38.97
N ALA A 70 17.82 -17.82 -39.94
CA ALA A 70 18.25 -18.30 -41.23
C ALA A 70 19.15 -17.27 -41.92
N ALA A 71 18.74 -16.00 -41.92
CA ALA A 71 19.47 -14.94 -42.57
C ALA A 71 20.83 -14.71 -41.91
N GLY A 72 20.96 -15.13 -40.64
CA GLY A 72 22.18 -14.92 -39.89
C GLY A 72 22.26 -13.52 -39.27
N VAL A 73 21.09 -12.99 -38.89
CA VAL A 73 20.98 -11.71 -38.22
C VAL A 73 20.41 -11.97 -36.82
N PRO A 74 20.64 -11.07 -35.84
CA PRO A 74 19.94 -11.12 -34.55
C PRO A 74 18.47 -10.70 -34.62
N ALA A 75 17.66 -11.27 -33.70
CA ALA A 75 16.29 -10.82 -33.47
C ALA A 75 16.01 -10.81 -31.97
N ALA A 76 15.01 -10.02 -31.56
CA ALA A 76 14.76 -9.79 -30.15
C ALA A 76 14.17 -11.05 -29.52
N ASN A 77 13.19 -11.63 -30.21
CA ASN A 77 12.44 -12.78 -29.72
C ASN A 77 13.29 -14.06 -29.83
N VAL A 78 14.53 -13.93 -30.30
CA VAL A 78 15.41 -15.08 -30.43
C VAL A 78 16.59 -14.93 -29.46
N VAL A 79 16.79 -15.96 -28.62
CA VAL A 79 17.92 -16.03 -27.72
C VAL A 79 18.91 -17.02 -28.33
N GLN A 80 20.12 -16.54 -28.67
CA GLN A 80 21.14 -17.39 -29.28
C GLN A 80 22.28 -17.54 -28.29
N GLY A 81 23.08 -18.60 -28.47
CA GLY A 81 24.18 -18.89 -27.56
C GLY A 81 25.02 -20.07 -28.04
N ALA A 82 26.14 -20.29 -27.34
CA ALA A 82 27.22 -21.13 -27.83
C ALA A 82 27.21 -22.49 -27.16
N ALA A 83 26.70 -22.58 -25.92
CA ALA A 83 26.64 -23.84 -25.19
C ALA A 83 28.05 -24.37 -24.92
N ASP A 84 28.93 -23.44 -24.52
CA ASP A 84 30.34 -23.75 -24.32
C ASP A 84 30.69 -23.56 -22.85
N CYS A 85 29.68 -23.45 -21.98
CA CYS A 85 29.86 -23.18 -20.56
C CYS A 85 29.60 -24.45 -19.75
N LYS A 86 30.66 -24.95 -19.08
CA LYS A 86 30.57 -26.11 -18.21
C LYS A 86 31.02 -25.71 -16.81
N GLY A 87 30.06 -25.34 -15.95
CA GLY A 87 30.28 -25.07 -14.54
C GLY A 87 29.11 -25.54 -13.68
N LYS A 88 29.16 -25.28 -12.37
CA LYS A 88 28.16 -25.79 -11.44
C LYS A 88 27.00 -24.80 -11.37
N VAL A 89 25.82 -25.27 -10.93
CA VAL A 89 24.60 -24.48 -10.93
C VAL A 89 24.34 -24.00 -9.51
N ALA A 90 24.04 -22.70 -9.34
CA ALA A 90 23.63 -22.16 -8.04
C ALA A 90 22.32 -21.38 -8.20
N PHE A 91 21.47 -21.46 -7.18
CA PHE A 91 20.30 -20.59 -7.05
C PHE A 91 20.60 -19.44 -6.09
N VAL A 92 20.42 -18.21 -6.57
CA VAL A 92 20.56 -17.02 -5.76
C VAL A 92 19.19 -16.52 -5.29
N PHE A 93 19.11 -16.23 -3.99
CA PHE A 93 17.89 -15.80 -3.33
C PHE A 93 18.14 -14.44 -2.67
N PRO A 94 17.82 -13.32 -3.34
CA PRO A 94 18.05 -11.98 -2.78
C PRO A 94 17.04 -11.61 -1.69
N GLY A 95 17.06 -10.34 -1.27
CA GLY A 95 16.17 -9.82 -0.25
C GLY A 95 14.92 -9.17 -0.83
N GLN A 96 14.38 -8.19 -0.09
CA GLN A 96 13.23 -7.37 -0.52
C GLN A 96 13.63 -6.38 -1.63
N GLY A 97 12.62 -5.74 -2.25
CA GLY A 97 12.84 -4.87 -3.41
C GLY A 97 12.49 -5.56 -4.73
N SER A 98 12.45 -6.90 -4.73
CA SER A 98 11.98 -7.69 -5.86
C SER A 98 10.47 -7.58 -6.00
N HIS A 99 9.77 -7.17 -4.93
CA HIS A 99 8.32 -7.32 -4.88
C HIS A 99 7.62 -6.33 -5.82
N TRP A 100 6.50 -6.79 -6.40
CA TRP A 100 5.55 -5.95 -7.12
C TRP A 100 4.15 -6.58 -7.07
N GLN A 101 3.12 -5.79 -7.37
CA GLN A 101 1.73 -6.24 -7.32
C GLN A 101 1.55 -7.46 -8.23
N GLY A 102 0.85 -8.50 -7.71
CA GLY A 102 0.57 -9.72 -8.45
C GLY A 102 1.78 -10.27 -9.19
N MET A 103 2.92 -10.40 -8.48
CA MET A 103 4.11 -11.03 -9.03
C MET A 103 3.75 -12.42 -9.56
N ALA A 104 2.82 -13.06 -8.84
CA ALA A 104 2.54 -14.48 -8.99
C ALA A 104 1.38 -14.73 -9.94
N ARG A 105 0.75 -13.65 -10.44
CA ARG A 105 -0.56 -13.76 -11.05
C ARG A 105 -0.48 -14.53 -12.37
N GLU A 106 0.46 -14.16 -13.25
CA GLU A 106 0.55 -14.82 -14.55
C GLU A 106 0.98 -16.27 -14.35
N LEU A 107 2.16 -16.45 -13.74
CA LEU A 107 2.84 -17.74 -13.76
C LEU A 107 1.98 -18.79 -13.06
N SER A 108 1.11 -18.34 -12.14
CA SER A 108 0.21 -19.23 -11.44
C SER A 108 -0.74 -19.89 -12.43
N GLU A 109 -1.20 -19.14 -13.45
CA GLU A 109 -2.09 -19.68 -14.47
C GLU A 109 -1.37 -20.75 -15.26
N SER A 110 -0.18 -20.39 -15.76
CA SER A 110 0.55 -21.20 -16.73
C SER A 110 1.11 -22.46 -16.08
N SER A 111 1.59 -22.38 -14.83
CA SER A 111 2.34 -23.47 -14.21
C SER A 111 1.55 -24.09 -13.05
N PRO A 112 1.32 -25.42 -13.05
CA PRO A 112 0.83 -26.12 -11.87
C PRO A 112 1.85 -26.18 -10.74
N VAL A 113 3.12 -26.39 -11.08
CA VAL A 113 4.16 -26.52 -10.06
C VAL A 113 4.17 -25.27 -9.19
N PHE A 114 4.21 -24.10 -9.85
CA PHE A 114 4.37 -22.84 -9.17
C PHE A 114 3.19 -22.66 -8.23
N ARG A 115 1.98 -22.86 -8.76
CA ARG A 115 0.75 -22.63 -8.04
C ARG A 115 0.71 -23.53 -6.81
N ARG A 116 1.22 -24.76 -6.94
CA ARG A 116 1.23 -25.74 -5.85
C ARG A 116 2.08 -25.24 -4.68
N LYS A 117 3.36 -24.94 -4.93
CA LYS A 117 4.22 -24.48 -3.86
C LYS A 117 3.68 -23.20 -3.26
N LEU A 118 3.03 -22.36 -4.09
CA LEU A 118 2.42 -21.14 -3.57
C LEU A 118 1.32 -21.48 -2.58
N ALA A 119 0.58 -22.54 -2.88
CA ALA A 119 -0.48 -23.01 -1.99
C ALA A 119 0.10 -23.55 -0.68
N GLU A 120 1.13 -24.40 -0.79
CA GLU A 120 1.85 -24.90 0.36
C GLU A 120 2.28 -23.73 1.26
N CYS A 121 2.97 -22.76 0.67
CA CYS A 121 3.47 -21.60 1.39
C CYS A 121 2.33 -20.89 2.10
N ALA A 122 1.18 -20.80 1.44
CA ALA A 122 0.03 -20.10 1.98
C ALA A 122 -0.48 -20.81 3.24
N ALA A 123 -0.76 -22.12 3.10
CA ALA A 123 -1.11 -22.98 4.23
C ALA A 123 -0.17 -22.73 5.40
N ALA A 124 1.13 -22.78 5.12
CA ALA A 124 2.15 -22.59 6.15
C ALA A 124 1.93 -21.29 6.92
N THR A 125 1.50 -20.24 6.21
CA THR A 125 1.49 -18.91 6.79
C THR A 125 0.18 -18.68 7.56
N ALA A 126 -0.82 -19.51 7.24
CA ALA A 126 -2.19 -19.28 7.69
C ALA A 126 -2.22 -19.10 9.19
N PRO A 127 -1.57 -20.01 9.96
CA PRO A 127 -1.55 -19.92 11.42
C PRO A 127 -0.89 -18.70 12.02
N TYR A 128 -0.21 -17.87 11.22
CA TYR A 128 0.67 -16.86 11.78
C TYR A 128 0.27 -15.46 11.34
N VAL A 129 -0.73 -15.36 10.46
CA VAL A 129 -1.12 -14.10 9.85
C VAL A 129 -2.65 -14.05 9.79
N ASP A 130 -3.18 -12.82 9.81
CA ASP A 130 -4.61 -12.59 9.76
C ASP A 130 -5.05 -12.19 8.35
N TRP A 131 -4.25 -12.53 7.32
CA TRP A 131 -4.57 -12.16 5.94
C TRP A 131 -4.25 -13.31 4.99
N SER A 132 -4.61 -13.15 3.71
CA SER A 132 -4.46 -14.21 2.74
C SER A 132 -3.22 -13.99 1.86
N LEU A 133 -2.17 -14.79 2.08
CA LEU A 133 -0.99 -14.71 1.24
C LEU A 133 -1.35 -14.88 -0.25
N LEU A 134 -2.24 -15.83 -0.57
CA LEU A 134 -2.58 -16.05 -1.97
C LEU A 134 -3.24 -14.80 -2.55
N GLY A 135 -4.07 -14.13 -1.74
CA GLY A 135 -4.71 -12.90 -2.15
C GLY A 135 -3.68 -11.81 -2.49
N VAL A 136 -2.71 -11.62 -1.59
CA VAL A 136 -1.63 -10.70 -1.86
C VAL A 136 -0.94 -11.14 -3.16
N LEU A 137 -0.53 -12.41 -3.24
CA LEU A 137 0.26 -12.88 -4.36
C LEU A 137 -0.48 -12.66 -5.68
N ARG A 138 -1.79 -12.41 -5.61
CA ARG A 138 -2.62 -12.31 -6.81
C ARG A 138 -3.06 -10.87 -7.02
N GLY A 139 -2.94 -10.04 -5.97
CA GLY A 139 -3.24 -8.62 -6.08
C GLY A 139 -4.70 -8.31 -5.75
N ASP A 140 -5.34 -9.23 -5.04
CA ASP A 140 -6.74 -8.99 -4.59
C ASP A 140 -6.80 -7.60 -3.96
N PRO A 141 -7.66 -6.70 -4.47
CA PRO A 141 -7.71 -5.36 -3.94
C PRO A 141 -8.09 -5.38 -2.46
N ASP A 142 -8.73 -6.44 -2.00
CA ASP A 142 -9.22 -6.51 -0.60
C ASP A 142 -8.17 -7.19 0.27
N ALA A 143 -6.92 -7.21 -0.19
CA ALA A 143 -5.84 -7.88 0.57
C ALA A 143 -4.75 -6.86 0.88
N PRO A 144 -3.82 -7.17 1.82
CA PRO A 144 -2.72 -6.28 2.14
C PRO A 144 -1.95 -5.86 0.88
N ALA A 145 -1.10 -4.85 0.99
CA ALA A 145 -0.47 -4.32 -0.24
C ALA A 145 1.05 -4.23 -0.18
N LEU A 146 1.76 -5.30 0.12
CA LEU A 146 3.24 -5.25 0.04
C LEU A 146 3.76 -3.89 0.47
N ASP A 147 3.15 -3.27 1.47
CA ASP A 147 3.64 -1.98 2.03
C ASP A 147 4.05 -2.25 3.48
N ARG A 148 3.97 -3.51 3.89
CA ARG A 148 4.31 -3.92 5.28
C ARG A 148 5.30 -5.08 5.19
N ASP A 149 6.20 -5.21 6.16
CA ASP A 149 7.27 -6.24 6.04
C ASP A 149 6.68 -7.64 6.04
N ASP A 150 5.85 -7.97 7.02
CA ASP A 150 5.29 -9.34 7.11
C ASP A 150 4.80 -9.74 5.73
N VAL A 151 4.05 -8.86 5.10
CA VAL A 151 3.44 -9.15 3.83
C VAL A 151 4.53 -9.34 2.76
N ILE A 152 5.47 -8.39 2.71
CA ILE A 152 6.57 -8.43 1.76
C ILE A 152 7.37 -9.71 1.92
N GLN A 153 7.84 -9.98 3.14
CA GLN A 153 8.85 -11.00 3.40
C GLN A 153 8.23 -12.38 3.10
N LEU A 154 6.95 -12.53 3.47
CA LEU A 154 6.28 -13.81 3.34
C LEU A 154 5.96 -14.07 1.88
N ALA A 155 5.59 -12.99 1.17
CA ALA A 155 5.26 -13.05 -0.25
C ALA A 155 6.52 -13.35 -1.06
N LEU A 156 7.60 -12.63 -0.79
CA LEU A 156 8.84 -12.89 -1.49
C LEU A 156 9.30 -14.31 -1.23
N PHE A 157 9.21 -14.78 0.02
CA PHE A 157 9.61 -16.13 0.37
C PHE A 157 8.86 -17.11 -0.53
N ALA A 158 7.52 -16.99 -0.53
CA ALA A 158 6.67 -17.83 -1.36
C ALA A 158 7.17 -17.82 -2.80
N MET A 159 7.34 -16.61 -3.37
CA MET A 159 7.73 -16.42 -4.75
C MET A 159 9.05 -17.16 -5.00
N MET A 160 10.08 -16.87 -4.20
CA MET A 160 11.42 -17.37 -4.49
C MET A 160 11.43 -18.89 -4.42
N VAL A 161 10.83 -19.44 -3.37
CA VAL A 161 10.75 -20.88 -3.15
C VAL A 161 10.02 -21.52 -4.33
N SER A 162 8.95 -20.86 -4.80
CA SER A 162 8.12 -21.37 -5.89
C SER A 162 8.83 -21.24 -7.25
N LEU A 163 9.53 -20.12 -7.48
CA LEU A 163 10.31 -20.00 -8.70
C LEU A 163 11.43 -21.03 -8.71
N ALA A 164 12.00 -21.32 -7.54
CA ALA A 164 13.05 -22.33 -7.44
C ALA A 164 12.48 -23.68 -7.83
N GLU A 165 11.26 -24.00 -7.38
CA GLU A 165 10.67 -25.30 -7.64
C GLU A 165 10.44 -25.48 -9.13
N LEU A 166 9.96 -24.41 -9.77
CA LEU A 166 9.75 -24.39 -11.20
C LEU A 166 11.07 -24.69 -11.94
N TRP A 167 12.09 -23.90 -11.67
CA TRP A 167 13.39 -24.10 -12.28
C TRP A 167 13.80 -25.56 -12.18
N ARG A 168 13.58 -26.17 -11.02
CA ARG A 168 14.01 -27.52 -10.77
C ARG A 168 13.15 -28.51 -11.56
N SER A 169 11.82 -28.40 -11.41
CA SER A 169 10.93 -29.32 -12.11
C SER A 169 11.23 -29.31 -13.61
N CYS A 170 11.76 -28.18 -14.11
CA CYS A 170 12.10 -28.04 -15.52
C CYS A 170 13.56 -28.40 -15.76
N GLY A 171 14.18 -29.08 -14.79
CA GLY A 171 15.43 -29.78 -15.03
C GLY A 171 16.68 -29.00 -14.58
N VAL A 172 16.50 -27.73 -14.20
CA VAL A 172 17.61 -26.94 -13.68
C VAL A 172 17.77 -27.25 -12.19
N GLU A 173 18.73 -28.13 -11.88
CA GLU A 173 18.92 -28.66 -10.54
C GLU A 173 20.11 -27.96 -9.88
N PRO A 174 19.89 -27.25 -8.76
CA PRO A 174 20.95 -26.48 -8.12
C PRO A 174 21.96 -27.38 -7.41
N ALA A 175 23.25 -27.11 -7.63
CA ALA A 175 24.32 -27.77 -6.90
C ALA A 175 24.66 -27.00 -5.61
N ALA A 176 24.04 -25.83 -5.42
CA ALA A 176 24.25 -24.98 -4.25
C ALA A 176 23.21 -23.86 -4.24
N VAL A 177 23.01 -23.26 -3.08
CA VAL A 177 22.17 -22.09 -2.93
C VAL A 177 22.96 -21.03 -2.18
N VAL A 178 22.78 -19.78 -2.59
CA VAL A 178 23.37 -18.65 -1.90
C VAL A 178 22.24 -17.66 -1.70
N GLY A 179 22.07 -17.23 -0.45
CA GLY A 179 20.98 -16.32 -0.10
C GLY A 179 21.54 -15.00 0.45
N HIS A 180 20.73 -13.95 0.35
CA HIS A 180 21.16 -12.60 0.71
C HIS A 180 20.10 -12.02 1.64
N SER A 181 20.51 -11.73 2.88
CA SER A 181 19.60 -11.23 3.88
C SER A 181 18.47 -12.25 4.05
N GLN A 182 17.19 -11.82 3.97
CA GLN A 182 16.08 -12.73 4.25
C GLN A 182 16.06 -13.88 3.26
N GLY A 183 16.84 -13.78 2.20
CA GLY A 183 16.80 -14.80 1.16
C GLY A 183 17.38 -16.10 1.68
N GLU A 184 18.26 -15.99 2.68
CA GLU A 184 18.91 -17.14 3.29
C GLU A 184 17.86 -18.13 3.78
N ILE A 185 16.73 -17.59 4.28
CA ILE A 185 15.62 -18.38 4.79
C ILE A 185 15.03 -19.23 3.68
N ALA A 186 14.74 -18.59 2.54
CA ALA A 186 14.26 -19.31 1.37
C ALA A 186 15.34 -20.27 0.87
N ALA A 187 16.58 -19.82 0.80
CA ALA A 187 17.67 -20.68 0.37
C ALA A 187 17.65 -21.97 1.21
N ALA A 188 17.62 -21.82 2.53
CA ALA A 188 17.56 -22.94 3.47
C ALA A 188 16.41 -23.87 3.13
N HIS A 189 15.18 -23.35 3.12
CA HIS A 189 14.02 -24.15 2.77
C HIS A 189 14.30 -25.01 1.54
N VAL A 190 15.03 -24.45 0.56
CA VAL A 190 15.18 -25.09 -0.74
C VAL A 190 16.27 -26.16 -0.65
N ALA A 191 17.26 -25.93 0.21
CA ALA A 191 18.36 -26.88 0.38
C ALA A 191 17.94 -28.05 1.27
N GLY A 192 16.81 -27.91 1.98
CA GLY A 192 16.32 -28.98 2.84
C GLY A 192 16.62 -28.72 4.33
N ALA A 193 17.39 -27.67 4.59
CA ALA A 193 17.79 -27.30 5.94
C ALA A 193 16.55 -26.96 6.76
N LEU A 194 15.77 -25.99 6.25
CA LEU A 194 14.58 -25.53 6.94
C LEU A 194 13.36 -26.21 6.33
N SER A 195 12.29 -26.23 7.12
CA SER A 195 10.98 -26.69 6.71
C SER A 195 10.17 -25.46 6.35
N LEU A 196 9.16 -25.66 5.49
CA LEU A 196 8.26 -24.57 5.17
C LEU A 196 7.84 -23.86 6.45
N THR A 197 7.38 -24.63 7.44
CA THR A 197 6.82 -24.02 8.65
C THR A 197 7.90 -23.27 9.42
N ASP A 198 9.09 -23.87 9.51
CA ASP A 198 10.17 -23.30 10.31
C ASP A 198 10.66 -21.99 9.70
N ALA A 199 10.85 -21.99 8.37
CA ALA A 199 11.17 -20.82 7.56
C ALA A 199 10.16 -19.70 7.79
N VAL A 200 8.87 -20.05 7.67
CA VAL A 200 7.78 -19.11 7.83
C VAL A 200 7.80 -18.49 9.24
N ARG A 201 8.00 -19.36 10.24
CA ARG A 201 8.09 -18.94 11.63
C ARG A 201 9.23 -17.95 11.82
N ILE A 202 10.39 -18.26 11.21
CA ILE A 202 11.55 -17.39 11.26
C ILE A 202 11.22 -16.05 10.63
N ILE A 203 10.39 -16.02 9.59
CA ILE A 203 10.10 -14.76 8.92
C ILE A 203 9.15 -13.93 9.77
N ALA A 204 8.23 -14.62 10.46
CA ALA A 204 7.22 -13.96 11.27
C ALA A 204 7.86 -13.38 12.52
N ALA A 205 8.85 -14.11 13.03
CA ALA A 205 9.63 -13.70 14.19
C ALA A 205 10.37 -12.40 13.86
N ARG A 206 11.08 -12.44 12.71
CA ARG A 206 11.94 -11.38 12.26
C ARG A 206 11.12 -10.10 12.15
N CYS A 207 9.92 -10.28 11.60
CA CYS A 207 9.01 -9.19 11.33
C CYS A 207 8.45 -8.62 12.64
N ASP A 208 8.13 -9.45 13.65
CA ASP A 208 7.74 -8.96 14.98
C ASP A 208 8.83 -8.05 15.54
N ALA A 209 10.03 -8.63 15.66
CA ALA A 209 11.16 -7.97 16.30
C ALA A 209 11.33 -6.56 15.74
N VAL A 210 11.45 -6.48 14.40
CA VAL A 210 11.88 -5.27 13.73
C VAL A 210 10.76 -4.24 13.73
N SER A 211 9.56 -4.63 14.17
CA SER A 211 8.40 -3.74 14.09
C SER A 211 8.68 -2.47 14.89
N ALA A 212 9.52 -2.61 15.93
CA ALA A 212 10.01 -1.48 16.71
C ALA A 212 10.83 -0.50 15.84
N LEU A 213 11.73 -1.05 15.01
CA LEU A 213 12.71 -0.27 14.28
C LEU A 213 12.09 0.40 13.04
N THR A 214 10.79 0.14 12.86
CA THR A 214 10.07 0.59 11.68
C THR A 214 10.11 2.11 11.61
N GLY A 215 10.50 2.65 10.45
CA GLY A 215 10.50 4.09 10.22
C GLY A 215 11.61 4.83 10.97
N LYS A 216 12.42 4.09 11.72
CA LYS A 216 13.55 4.67 12.43
C LYS A 216 14.84 4.46 11.65
N GLY A 217 14.74 3.84 10.47
CA GLY A 217 15.92 3.46 9.72
C GLY A 217 15.61 3.13 8.27
N GLY A 218 16.66 2.94 7.48
CA GLY A 218 16.52 2.44 6.11
C GLY A 218 17.87 2.09 5.52
N MET A 219 17.86 1.72 4.22
CA MET A 219 19.05 1.28 3.53
C MET A 219 19.12 1.95 2.16
N LEU A 220 20.35 2.13 1.66
CA LEU A 220 20.65 2.86 0.42
C LEU A 220 21.73 2.10 -0.35
N ALA A 221 21.42 1.74 -1.60
CA ALA A 221 22.37 1.04 -2.43
C ALA A 221 23.17 2.08 -3.21
N ILE A 222 24.47 1.81 -3.38
CA ILE A 222 25.42 2.81 -3.82
C ILE A 222 26.36 2.16 -4.83
N ALA A 223 26.61 2.88 -5.91
CA ALA A 223 27.33 2.34 -7.07
C ALA A 223 28.82 2.61 -6.91
N LEU A 224 29.33 2.31 -5.70
CA LEU A 224 30.70 2.61 -5.34
C LEU A 224 31.27 1.39 -4.63
N PRO A 225 32.57 1.07 -4.83
CA PRO A 225 33.23 0.01 -4.09
C PRO A 225 33.19 0.34 -2.60
N GLU A 226 33.16 -0.72 -1.77
CA GLU A 226 33.18 -0.55 -0.33
C GLU A 226 34.14 0.57 0.07
N SER A 227 35.41 0.48 -0.39
CA SER A 227 36.45 1.41 0.02
C SER A 227 35.91 2.83 0.06
N ALA A 228 35.37 3.29 -1.09
CA ALA A 228 34.82 4.62 -1.22
C ALA A 228 33.79 4.88 -0.14
N VAL A 229 32.83 3.95 0.02
CA VAL A 229 31.69 4.15 0.91
C VAL A 229 32.20 4.26 2.34
N VAL A 230 33.15 3.37 2.68
CA VAL A 230 33.75 3.32 4.01
C VAL A 230 34.35 4.69 4.34
N LYS A 231 35.01 5.25 3.31
CA LYS A 231 35.73 6.51 3.40
C LYS A 231 34.75 7.67 3.44
N ARG A 232 33.50 7.43 3.09
CA ARG A 232 32.53 8.50 3.11
C ARG A 232 31.77 8.48 4.42
N ILE A 233 31.77 7.32 5.10
CA ILE A 233 30.95 7.14 6.29
C ILE A 233 31.80 6.95 7.53
N ALA A 234 33.14 6.98 7.39
CA ALA A 234 34.01 6.74 8.53
C ALA A 234 33.64 7.61 9.72
N GLY A 235 33.22 8.86 9.50
CA GLY A 235 32.89 9.74 10.61
C GLY A 235 31.38 9.78 10.89
N LEU A 236 30.63 8.90 10.20
CA LEU A 236 29.19 8.86 10.32
C LEU A 236 28.78 7.53 10.95
N PRO A 237 28.69 7.47 12.29
CA PRO A 237 28.40 6.22 12.97
C PRO A 237 26.93 5.83 12.88
N GLU A 238 26.10 6.73 12.33
CA GLU A 238 24.68 6.45 12.16
C GLU A 238 24.44 5.89 10.75
N LEU A 239 25.53 5.56 10.03
CA LEU A 239 25.47 4.78 8.81
C LEU A 239 26.53 3.69 8.86
N THR A 240 26.24 2.55 8.21
CA THR A 240 26.98 1.30 8.32
C THR A 240 26.88 0.54 6.99
N VAL A 241 27.99 -0.05 6.57
CA VAL A 241 27.97 -0.98 5.44
C VAL A 241 27.12 -2.20 5.83
N ALA A 242 26.11 -2.49 5.01
CA ALA A 242 25.18 -3.56 5.28
C ALA A 242 25.41 -4.72 4.30
N ALA A 243 25.98 -4.43 3.12
CA ALA A 243 26.18 -5.44 2.09
C ALA A 243 27.23 -4.97 1.09
N VAL A 244 28.04 -5.94 0.62
CA VAL A 244 28.95 -5.77 -0.52
C VAL A 244 28.51 -6.69 -1.65
N ASN A 245 27.57 -6.16 -2.47
CA ASN A 245 26.88 -6.93 -3.49
C ASN A 245 27.77 -7.14 -4.71
N GLY A 246 28.86 -6.38 -4.80
CA GLY A 246 29.81 -6.58 -5.88
C GLY A 246 31.00 -5.62 -5.79
N PRO A 247 31.98 -5.76 -6.72
CA PRO A 247 33.20 -4.95 -6.67
C PRO A 247 32.93 -3.47 -6.92
N GLY A 248 31.71 -3.15 -7.39
CA GLY A 248 31.29 -1.76 -7.48
C GLY A 248 29.87 -1.52 -6.99
N SER A 249 29.42 -2.37 -6.05
CA SER A 249 28.06 -2.32 -5.51
C SER A 249 28.11 -2.46 -3.99
N THR A 250 27.42 -1.57 -3.27
CA THR A 250 27.53 -1.49 -1.82
C THR A 250 26.22 -0.96 -1.25
N VAL A 251 25.74 -1.57 -0.16
CA VAL A 251 24.54 -1.12 0.52
C VAL A 251 24.93 -0.59 1.90
N VAL A 252 24.16 0.36 2.41
CA VAL A 252 24.49 1.09 3.63
C VAL A 252 23.21 1.16 4.46
N SER A 253 23.27 0.78 5.74
CA SER A 253 22.11 0.86 6.63
C SER A 253 22.35 1.91 7.70
N GLY A 254 21.27 2.60 8.13
CA GLY A 254 21.42 3.75 9.02
C GLY A 254 20.13 4.55 9.20
N GLU A 255 20.23 5.67 9.92
CA GLU A 255 19.11 6.56 10.15
C GLU A 255 18.69 7.24 8.85
N PRO A 256 17.39 7.59 8.69
CA PRO A 256 16.91 8.25 7.48
C PRO A 256 17.66 9.53 7.12
N SER A 257 17.61 10.52 8.01
CA SER A 257 18.22 11.81 7.74
C SER A 257 19.64 11.64 7.18
N ALA A 258 20.44 10.76 7.79
CA ALA A 258 21.79 10.45 7.34
C ALA A 258 21.79 10.01 5.89
N LEU A 259 21.02 8.94 5.62
CA LEU A 259 20.87 8.36 4.30
C LEU A 259 20.54 9.45 3.29
N GLU A 260 19.55 10.28 3.63
CA GLU A 260 19.08 11.38 2.80
C GLU A 260 20.27 12.25 2.42
N ARG A 261 21.01 12.79 3.41
CA ARG A 261 22.18 13.62 3.15
C ARG A 261 23.19 12.88 2.26
N LEU A 262 23.54 11.65 2.59
CA LEU A 262 24.48 10.91 1.78
C LEU A 262 23.98 10.81 0.34
N GLN A 263 22.68 10.54 0.15
CA GLN A 263 22.11 10.39 -1.18
C GLN A 263 22.22 11.70 -1.95
N THR A 264 21.82 12.80 -1.31
CA THR A 264 22.04 14.16 -1.78
C THR A 264 23.48 14.30 -2.26
N GLU A 265 24.44 14.15 -1.34
CA GLU A 265 25.85 14.26 -1.66
C GLU A 265 26.16 13.42 -2.90
N LEU A 266 25.74 12.16 -2.87
CA LEU A 266 26.10 11.20 -3.90
C LEU A 266 25.39 11.50 -5.21
N THR A 267 24.15 12.01 -5.17
CA THR A 267 23.47 12.41 -6.39
C THR A 267 24.19 13.59 -7.04
N ALA A 268 24.81 14.45 -6.20
CA ALA A 268 25.54 15.61 -6.67
C ALA A 268 26.90 15.25 -7.26
N GLU A 269 27.56 14.19 -6.74
CA GLU A 269 28.81 13.72 -7.32
C GLU A 269 28.55 12.75 -8.48
N ASN A 270 27.32 12.75 -9.01
CA ASN A 270 26.91 11.82 -10.05
C ASN A 270 27.41 10.41 -9.75
N VAL A 271 27.19 9.96 -8.50
CA VAL A 271 27.16 8.55 -8.18
C VAL A 271 25.71 8.09 -8.12
N GLN A 272 25.42 7.04 -8.90
CA GLN A 272 24.08 6.47 -8.99
C GLN A 272 23.81 5.72 -7.69
N THR A 273 22.72 6.11 -7.02
CA THR A 273 22.24 5.44 -5.83
C THR A 273 20.84 4.93 -6.12
N ARG A 274 20.32 4.02 -5.30
CA ARG A 274 18.88 3.88 -5.15
C ARG A 274 18.56 3.49 -3.71
N ARG A 275 17.68 4.26 -3.07
CA ARG A 275 17.12 3.88 -1.78
C ARG A 275 16.41 2.53 -1.89
N VAL A 276 16.53 1.69 -0.85
CA VAL A 276 15.97 0.34 -0.85
C VAL A 276 14.56 0.37 -0.26
N GLY A 277 13.71 -0.55 -0.72
CA GLY A 277 12.37 -0.72 -0.17
C GLY A 277 12.39 -1.57 1.09
N ILE A 278 12.93 -0.97 2.15
CA ILE A 278 12.95 -1.54 3.49
C ILE A 278 12.63 -0.36 4.40
N ASP A 279 11.86 -0.60 5.47
CA ASP A 279 11.40 0.47 6.32
C ASP A 279 12.18 0.45 7.64
N TYR A 280 13.24 -0.40 7.70
CA TYR A 280 14.09 -0.51 8.86
C TYR A 280 15.55 -0.69 8.42
N ALA A 281 16.47 -0.56 9.38
CA ALA A 281 17.90 -0.63 9.14
C ALA A 281 18.44 -2.03 9.44
N SER A 282 18.05 -2.99 8.61
CA SER A 282 18.58 -4.34 8.61
C SER A 282 20.11 -4.30 8.43
N HIS A 283 20.77 -5.37 8.90
CA HIS A 283 22.21 -5.49 8.89
C HIS A 283 22.87 -4.21 9.40
N SER A 284 22.35 -3.71 10.52
CA SER A 284 22.90 -2.53 11.17
C SER A 284 22.89 -2.72 12.70
N PRO A 285 23.62 -1.86 13.43
CA PRO A 285 23.59 -1.89 14.89
C PRO A 285 22.21 -1.77 15.50
N GLN A 286 21.22 -1.32 14.75
CA GLN A 286 19.90 -1.09 15.39
C GLN A 286 19.22 -2.44 15.56
N ILE A 287 19.75 -3.48 14.93
CA ILE A 287 19.08 -4.81 14.97
C ILE A 287 19.32 -5.45 16.33
N ALA A 288 20.12 -4.82 17.18
CA ALA A 288 20.48 -5.44 18.46
C ALA A 288 19.48 -5.04 19.53
N GLN A 289 18.68 -4.01 19.27
CA GLN A 289 17.66 -3.56 20.24
C GLN A 289 16.50 -4.55 20.21
N VAL A 290 16.60 -5.59 19.38
CA VAL A 290 15.48 -6.55 19.22
C VAL A 290 16.00 -7.99 19.24
N GLN A 291 17.25 -8.19 19.65
CA GLN A 291 17.82 -9.55 19.73
C GLN A 291 16.90 -10.38 20.64
N GLY A 292 16.42 -9.78 21.71
CA GLY A 292 15.57 -10.52 22.66
C GLY A 292 14.29 -11.00 22.01
N ARG A 293 13.40 -10.07 21.65
CA ARG A 293 12.07 -10.49 21.11
C ARG A 293 12.28 -11.62 20.11
N LEU A 294 13.28 -11.47 19.25
CA LEU A 294 13.53 -12.49 18.20
C LEU A 294 14.01 -13.78 18.86
N LEU A 295 15.18 -13.74 19.49
CA LEU A 295 15.74 -15.01 20.02
C LEU A 295 14.71 -15.65 20.95
N ASP A 296 13.81 -14.86 21.51
CA ASP A 296 12.75 -15.40 22.38
C ASP A 296 11.64 -15.98 21.52
N ARG A 297 11.05 -15.18 20.63
CA ARG A 297 9.90 -15.65 19.82
C ARG A 297 10.37 -16.76 18.89
N LEU A 298 11.56 -16.62 18.33
CA LEU A 298 12.11 -17.68 17.46
C LEU A 298 12.20 -18.96 18.28
N GLY A 299 12.68 -18.85 19.51
CA GLY A 299 12.87 -20.05 20.32
C GLY A 299 13.79 -21.06 19.65
N GLU A 300 13.50 -22.35 19.88
CA GLU A 300 14.10 -23.48 19.20
C GLU A 300 13.86 -23.39 17.70
N VAL A 301 14.91 -23.60 16.89
CA VAL A 301 14.81 -23.65 15.44
C VAL A 301 15.53 -24.92 14.98
N GLY A 302 14.80 -25.84 14.35
CA GLY A 302 15.40 -27.10 13.90
C GLY A 302 15.97 -27.01 12.49
N SER A 303 17.30 -27.01 12.36
CA SER A 303 17.96 -27.10 11.06
C SER A 303 18.43 -28.54 10.82
N GLU A 304 18.23 -29.02 9.59
CA GLU A 304 18.67 -30.34 9.18
C GLU A 304 19.86 -30.24 8.22
N PRO A 305 20.83 -31.17 8.25
CA PRO A 305 21.83 -31.26 7.18
C PRO A 305 21.15 -31.27 5.82
N ALA A 306 21.85 -30.73 4.82
CA ALA A 306 21.23 -30.36 3.54
C ALA A 306 21.75 -31.25 2.42
N GLU A 307 20.84 -31.58 1.50
CA GLU A 307 21.17 -32.30 0.28
C GLU A 307 21.93 -31.40 -0.69
N ILE A 308 21.61 -30.08 -0.71
CA ILE A 308 22.32 -29.11 -1.52
C ILE A 308 23.35 -28.40 -0.64
N ALA A 309 24.36 -27.79 -1.28
CA ALA A 309 25.29 -26.88 -0.61
C ALA A 309 24.58 -25.60 -0.16
N PHE A 310 25.10 -24.98 0.91
CA PHE A 310 24.58 -23.73 1.45
C PHE A 310 25.74 -22.79 1.77
N TYR A 311 26.06 -21.88 0.84
CA TYR A 311 27.07 -20.85 1.09
C TYR A 311 26.42 -19.69 1.86
N SER A 312 26.89 -19.44 3.10
CA SER A 312 26.33 -18.41 3.96
C SER A 312 26.91 -17.05 3.58
N THR A 313 26.05 -16.05 3.36
CA THR A 313 26.54 -14.70 3.16
C THR A 313 26.88 -14.07 4.50
N VAL A 314 26.61 -14.80 5.61
CA VAL A 314 27.06 -14.36 6.92
C VAL A 314 28.56 -14.67 7.04
N THR A 315 28.93 -15.94 6.85
CA THR A 315 30.29 -16.41 7.01
C THR A 315 31.09 -16.16 5.73
N GLY A 316 30.48 -16.47 4.57
CA GLY A 316 31.16 -16.35 3.30
C GLY A 316 31.73 -17.69 2.83
N GLU A 317 31.22 -18.80 3.40
CA GLU A 317 31.73 -20.14 3.10
C GLU A 317 30.59 -21.15 3.21
N ARG A 318 30.74 -22.30 2.52
CA ARG A 318 29.84 -23.44 2.67
C ARG A 318 29.62 -23.72 4.16
N THR A 319 28.37 -23.69 4.62
CA THR A 319 28.08 -23.91 6.02
C THR A 319 27.24 -25.17 6.14
N ASP A 320 27.34 -25.84 7.31
CA ASP A 320 26.58 -27.04 7.60
C ASP A 320 25.18 -26.63 8.08
N THR A 321 24.21 -26.68 7.17
CA THR A 321 22.83 -26.62 7.60
C THR A 321 22.68 -27.56 8.79
N GLY A 322 21.91 -27.15 9.79
CA GLY A 322 21.90 -27.86 11.05
C GLY A 322 22.68 -27.09 12.10
N ARG A 323 23.66 -26.29 11.65
CA ARG A 323 24.27 -25.24 12.46
C ARG A 323 23.40 -23.98 12.43
N LEU A 324 22.28 -24.01 11.71
CA LEU A 324 21.45 -22.84 11.54
C LEU A 324 20.43 -22.76 12.68
N ASP A 325 20.92 -22.65 13.92
CA ASP A 325 20.07 -22.35 15.07
C ASP A 325 19.56 -20.91 15.03
N ALA A 326 18.64 -20.59 15.94
CA ALA A 326 18.13 -19.24 16.12
C ALA A 326 19.25 -18.19 16.13
N ASP A 327 20.44 -18.51 16.64
CA ASP A 327 21.55 -17.58 16.61
C ASP A 327 21.91 -17.21 15.17
N TYR A 328 22.07 -18.21 14.30
CA TYR A 328 22.40 -17.95 12.90
C TYR A 328 21.39 -16.95 12.33
N TRP A 329 20.13 -17.06 12.78
CA TRP A 329 19.04 -16.26 12.24
C TRP A 329 19.05 -14.84 12.79
N TYR A 330 19.51 -14.62 14.02
CA TYR A 330 19.70 -13.26 14.51
C TYR A 330 20.94 -12.67 13.84
N GLN A 331 21.90 -13.54 13.53
CA GLN A 331 23.13 -13.12 12.86
C GLN A 331 22.83 -12.75 11.41
N ASN A 332 21.98 -13.54 10.76
CA ASN A 332 21.53 -13.28 9.41
C ASN A 332 21.03 -11.84 9.29
N LEU A 333 20.31 -11.37 10.33
CA LEU A 333 19.58 -10.11 10.32
C LEU A 333 20.47 -8.96 10.82
N ARG A 334 21.61 -9.29 11.45
CA ARG A 334 22.40 -8.28 12.14
C ARG A 334 23.72 -8.04 11.45
N GLN A 335 24.08 -8.85 10.45
CA GLN A 335 25.45 -8.86 9.96
C GLN A 335 25.47 -8.42 8.50
N PRO A 336 26.47 -7.60 8.10
CA PRO A 336 26.72 -7.32 6.69
C PRO A 336 26.77 -8.63 5.93
N VAL A 337 26.47 -8.57 4.62
CA VAL A 337 26.00 -9.76 3.93
C VAL A 337 27.07 -10.34 3.02
N ARG A 338 28.21 -9.65 2.83
CA ARG A 338 29.37 -10.29 2.22
C ARG A 338 28.96 -11.16 1.02
N PHE A 339 28.29 -10.57 0.02
CA PHE A 339 27.76 -11.34 -1.09
C PHE A 339 28.89 -11.59 -2.08
N GLN A 340 29.55 -10.51 -2.48
CA GLN A 340 30.66 -10.59 -3.42
C GLN A 340 31.62 -11.69 -2.97
N GLN A 341 31.96 -11.66 -1.69
CA GLN A 341 32.95 -12.56 -1.12
C GLN A 341 32.45 -14.00 -1.28
N THR A 342 31.18 -14.25 -0.96
CA THR A 342 30.60 -15.58 -1.04
C THR A 342 30.65 -16.09 -2.49
N VAL A 343 30.29 -15.22 -3.44
CA VAL A 343 30.18 -15.61 -4.84
C VAL A 343 31.58 -15.91 -5.38
N ALA A 344 32.53 -15.04 -5.06
CA ALA A 344 33.91 -15.23 -5.45
C ALA A 344 34.37 -16.64 -5.10
N ARG A 345 34.10 -17.08 -3.86
CA ARG A 345 34.45 -18.42 -3.44
C ARG A 345 33.72 -19.44 -4.32
N MET A 346 32.40 -19.32 -4.41
CA MET A 346 31.60 -20.29 -5.19
C MET A 346 32.23 -20.43 -6.58
N ALA A 347 32.68 -19.32 -7.15
CA ALA A 347 33.24 -19.34 -8.50
C ALA A 347 34.52 -20.17 -8.52
N ASP A 348 35.46 -19.85 -7.62
CA ASP A 348 36.74 -20.60 -7.56
C ASP A 348 36.40 -22.07 -7.29
N GLN A 349 35.18 -22.33 -6.83
CA GLN A 349 34.78 -23.72 -6.51
C GLN A 349 34.01 -24.32 -7.68
N GLY A 350 34.00 -23.64 -8.83
CA GLY A 350 33.37 -24.24 -10.02
C GLY A 350 32.08 -23.58 -10.44
N TYR A 351 31.22 -23.24 -9.49
CA TYR A 351 29.90 -22.68 -9.85
C TYR A 351 30.13 -21.60 -10.89
N ARG A 352 29.56 -21.76 -12.09
CA ARG A 352 29.67 -20.70 -13.13
C ARG A 352 28.28 -20.41 -13.71
N PHE A 353 27.26 -21.18 -13.33
CA PHE A 353 25.88 -20.86 -13.77
C PHE A 353 25.08 -20.39 -12.56
N PHE A 354 24.68 -19.13 -12.53
CA PHE A 354 23.96 -18.59 -11.35
C PHE A 354 22.55 -18.16 -11.75
N VAL A 355 21.53 -18.75 -11.12
CA VAL A 355 20.12 -18.41 -11.43
C VAL A 355 19.55 -17.65 -10.23
N GLU A 356 18.98 -16.48 -10.46
CA GLU A 356 18.38 -15.74 -9.37
C GLU A 356 16.86 -15.93 -9.39
N VAL A 357 16.35 -16.76 -8.47
CA VAL A 357 14.93 -16.92 -8.29
C VAL A 357 14.36 -15.66 -7.64
N SER A 358 13.71 -14.78 -8.40
CA SER A 358 13.42 -13.45 -7.87
C SER A 358 12.31 -12.82 -8.70
N PRO A 359 11.26 -12.25 -8.06
CA PRO A 359 10.23 -11.55 -8.79
C PRO A 359 10.80 -10.37 -9.57
N HIS A 360 12.11 -10.05 -9.38
CA HIS A 360 12.80 -9.01 -10.13
C HIS A 360 14.29 -9.05 -9.83
N PRO A 361 15.20 -8.95 -10.84
CA PRO A 361 16.63 -9.07 -10.61
C PRO A 361 17.14 -7.99 -9.67
N LEU A 362 17.80 -8.41 -8.59
CA LEU A 362 18.38 -7.46 -7.65
C LEU A 362 19.89 -7.61 -7.59
N LEU A 363 20.45 -8.79 -7.94
CA LEU A 363 21.86 -9.04 -7.71
C LEU A 363 22.58 -9.51 -8.97
N THR A 364 21.94 -9.37 -10.13
CA THR A 364 22.42 -10.03 -11.34
C THR A 364 23.73 -9.37 -11.78
N ALA A 365 23.78 -8.04 -11.70
CA ALA A 365 24.98 -7.30 -12.08
C ALA A 365 26.16 -7.68 -11.19
N GLY A 366 25.92 -7.69 -9.88
CA GLY A 366 26.99 -7.96 -8.91
C GLY A 366 27.65 -9.31 -9.19
N ILE A 367 26.82 -10.32 -9.44
CA ILE A 367 27.31 -11.66 -9.75
C ILE A 367 28.21 -11.59 -10.98
N GLN A 368 27.73 -10.89 -12.02
CA GLN A 368 28.49 -10.73 -13.25
C GLN A 368 29.82 -10.05 -12.97
N GLU A 369 29.80 -8.85 -12.41
CA GLU A 369 31.07 -8.09 -12.21
C GLU A 369 32.04 -8.95 -11.41
N THR A 370 31.56 -9.63 -10.36
CA THR A 370 32.42 -10.47 -9.51
C THR A 370 33.05 -11.57 -10.35
N LEU A 371 32.24 -12.28 -11.12
CA LEU A 371 32.77 -13.41 -11.92
C LEU A 371 33.76 -12.83 -12.94
N GLU A 372 33.43 -11.69 -13.53
CA GLU A 372 34.29 -11.13 -14.61
C GLU A 372 35.53 -10.49 -13.97
N ALA A 373 35.51 -10.27 -12.66
CA ALA A 373 36.69 -9.72 -11.97
C ALA A 373 37.60 -10.88 -11.55
N ALA A 374 37.11 -12.11 -11.70
CA ALA A 374 37.95 -13.29 -11.38
C ALA A 374 38.23 -14.02 -12.69
N ASP A 375 38.23 -13.31 -13.81
CA ASP A 375 38.50 -13.92 -15.13
C ASP A 375 37.74 -15.26 -15.22
N ALA A 376 36.53 -15.31 -14.66
CA ALA A 376 35.75 -16.56 -14.64
C ALA A 376 34.32 -16.27 -15.07
N GLY A 377 34.13 -16.01 -16.36
CA GLY A 377 32.78 -15.69 -16.87
C GLY A 377 31.84 -16.86 -16.68
N GLY A 378 30.55 -16.56 -16.57
CA GLY A 378 29.54 -17.62 -16.42
C GLY A 378 28.23 -17.14 -16.98
N VAL A 379 27.13 -17.78 -16.58
CA VAL A 379 25.78 -17.36 -17.05
C VAL A 379 25.01 -16.84 -15.85
N VAL A 380 24.53 -15.60 -15.93
CA VAL A 380 23.84 -15.00 -14.81
C VAL A 380 22.50 -14.46 -15.29
N VAL A 381 21.44 -15.21 -14.96
CA VAL A 381 20.09 -14.87 -15.38
C VAL A 381 19.26 -14.63 -14.12
N GLY A 382 18.20 -13.83 -14.27
CA GLY A 382 17.15 -13.77 -13.28
C GLY A 382 15.99 -14.68 -13.66
N SER A 383 14.76 -14.28 -13.30
CA SER A 383 13.59 -15.09 -13.56
C SER A 383 12.47 -14.23 -14.16
N LEU A 384 11.83 -13.42 -13.33
CA LEU A 384 10.81 -12.48 -13.77
C LEU A 384 11.36 -11.05 -13.65
N ARG A 385 10.64 -10.08 -14.25
CA ARG A 385 10.87 -8.65 -14.04
C ARG A 385 9.56 -7.99 -13.59
N ARG A 386 9.64 -6.81 -12.97
CA ARG A 386 8.46 -6.06 -12.55
C ARG A 386 7.54 -5.89 -13.74
N GLY A 387 6.27 -6.29 -13.61
CA GLY A 387 5.29 -6.17 -14.67
C GLY A 387 5.44 -7.27 -15.72
N GLU A 388 6.54 -8.03 -15.65
CA GLU A 388 6.76 -9.14 -16.57
C GLU A 388 6.97 -10.44 -15.79
N GLY A 389 5.87 -11.08 -15.38
CA GLY A 389 5.95 -12.23 -14.50
C GLY A 389 5.22 -13.47 -15.02
N GLY A 390 5.13 -13.55 -16.35
CA GLY A 390 4.55 -14.71 -17.02
C GLY A 390 5.58 -15.45 -17.88
N SER A 391 5.07 -16.32 -18.76
CA SER A 391 5.91 -17.31 -19.39
C SER A 391 7.04 -16.67 -20.20
N ARG A 392 6.75 -15.55 -20.88
CA ARG A 392 7.71 -15.00 -21.81
C ARG A 392 9.01 -14.67 -21.08
N ARG A 393 8.92 -13.93 -19.96
CA ARG A 393 10.12 -13.50 -19.27
C ARG A 393 10.82 -14.72 -18.67
N TRP A 394 10.04 -15.68 -18.18
CA TRP A 394 10.63 -16.85 -17.57
C TRP A 394 11.34 -17.66 -18.66
N LEU A 395 10.62 -17.94 -19.75
CA LEU A 395 11.16 -18.78 -20.80
C LEU A 395 12.43 -18.16 -21.37
N THR A 396 12.49 -16.83 -21.32
CA THR A 396 13.67 -16.13 -21.78
C THR A 396 14.84 -16.42 -20.85
N SER A 397 14.56 -16.48 -19.55
CA SER A 397 15.59 -16.76 -18.56
C SER A 397 16.11 -18.17 -18.78
N LEU A 398 15.18 -19.13 -18.86
CA LEU A 398 15.52 -20.52 -19.13
C LEU A 398 16.35 -20.60 -20.40
N ALA A 399 15.88 -19.92 -21.45
CA ALA A 399 16.53 -19.94 -22.73
C ALA A 399 17.98 -19.48 -22.61
N GLU A 400 18.20 -18.29 -22.03
CA GLU A 400 19.54 -17.74 -21.90
C GLU A 400 20.47 -18.74 -21.25
N CYS A 401 19.90 -19.59 -20.38
CA CYS A 401 20.66 -20.67 -19.76
C CYS A 401 20.95 -21.80 -20.76
N GLN A 402 19.90 -22.26 -21.44
CA GLN A 402 20.00 -23.41 -22.33
C GLN A 402 21.03 -23.09 -23.42
N VAL A 403 20.86 -21.94 -24.06
CA VAL A 403 21.71 -21.60 -25.18
C VAL A 403 23.17 -21.75 -24.78
N ARG A 404 23.47 -21.60 -23.48
CA ARG A 404 24.85 -21.61 -23.00
C ARG A 404 25.20 -22.99 -22.42
N GLY A 405 24.29 -23.95 -22.51
CA GLY A 405 24.66 -25.36 -22.40
C GLY A 405 23.94 -26.08 -21.27
N LEU A 406 23.11 -25.37 -20.51
CA LEU A 406 22.42 -25.99 -19.40
C LEU A 406 21.43 -27.03 -19.91
N PRO A 407 21.42 -28.25 -19.36
CA PRO A 407 20.38 -29.23 -19.69
C PRO A 407 19.05 -28.75 -19.12
N VAL A 408 17.95 -29.34 -19.61
CA VAL A 408 16.59 -28.87 -19.36
C VAL A 408 15.64 -30.05 -19.55
N ASN A 409 14.48 -30.03 -18.90
CA ASN A 409 13.44 -31.02 -19.16
C ASN A 409 12.28 -30.33 -19.87
N TRP A 410 12.35 -30.25 -21.20
CA TRP A 410 11.36 -29.51 -21.99
C TRP A 410 9.94 -29.99 -21.68
N GLU A 411 9.77 -31.31 -21.53
CA GLU A 411 8.43 -31.82 -21.25
C GLU A 411 7.80 -30.96 -20.17
N GLN A 412 8.47 -30.91 -19.02
CA GLN A 412 7.99 -30.12 -17.90
C GLN A 412 8.00 -28.65 -18.26
N VAL A 413 9.04 -28.20 -18.98
CA VAL A 413 9.06 -26.83 -19.45
C VAL A 413 7.76 -26.55 -20.19
N PHE A 414 7.47 -27.32 -21.25
CA PHE A 414 6.31 -27.04 -22.10
C PHE A 414 5.05 -27.01 -21.25
N LEU A 415 4.95 -27.96 -20.34
CA LEU A 415 3.78 -28.08 -19.49
C LEU A 415 3.57 -26.75 -18.77
N ASN A 416 4.48 -26.44 -17.87
CA ASN A 416 4.33 -25.29 -16.98
C ASN A 416 4.31 -23.98 -17.77
N THR A 417 4.90 -23.98 -18.97
CA THR A 417 5.02 -22.74 -19.73
C THR A 417 3.70 -22.36 -20.36
N GLY A 418 3.07 -23.33 -21.02
CA GLY A 418 1.87 -23.04 -21.81
C GLY A 418 1.58 -21.54 -21.87
N GLY B 1 22.93 19.09 -28.61
CA GLY B 1 21.85 19.60 -27.72
C GLY B 1 22.13 21.03 -27.27
N ALA B 2 21.54 21.41 -26.12
CA ALA B 2 21.63 22.79 -25.64
C ALA B 2 22.74 22.92 -24.59
N PHE B 3 23.53 23.98 -24.69
CA PHE B 3 24.53 24.33 -23.68
C PHE B 3 24.28 25.78 -23.26
N PRO B 4 24.59 26.13 -22.01
CA PRO B 4 24.66 27.54 -21.61
C PRO B 4 26.09 28.07 -21.74
N TRP B 5 26.24 29.25 -22.35
CA TRP B 5 27.48 30.01 -22.24
C TRP B 5 27.28 31.23 -21.34
N PRO B 6 27.80 31.25 -20.08
CA PRO B 6 27.69 32.43 -19.22
C PRO B 6 28.67 33.58 -19.48
N LEU B 7 28.16 34.81 -19.43
CA LEU B 7 29.04 36.00 -19.65
C LEU B 7 28.58 37.11 -18.71
N SER B 8 29.44 38.09 -18.40
CA SER B 8 29.08 39.11 -17.38
C SER B 8 30.02 40.30 -17.30
N GLY B 9 29.66 41.33 -16.51
CA GLY B 9 30.55 42.50 -16.26
C GLY B 9 29.75 43.79 -16.16
N LYS B 10 30.30 44.92 -16.63
CA LYS B 10 29.53 46.19 -16.75
C LYS B 10 28.85 46.12 -18.12
N THR B 11 27.78 46.87 -18.34
CA THR B 11 27.05 46.71 -19.62
C THR B 11 28.05 46.70 -20.77
N GLU B 12 28.94 47.68 -20.81
CA GLU B 12 29.91 47.77 -21.92
C GLU B 12 30.82 46.54 -21.92
N THR B 13 31.22 46.07 -20.74
CA THR B 13 32.17 44.93 -20.68
C THR B 13 31.48 43.66 -21.18
N ALA B 14 30.19 43.51 -20.88
CA ALA B 14 29.50 42.35 -21.46
C ALA B 14 29.61 42.53 -22.97
N LEU B 15 29.28 43.73 -23.44
CA LEU B 15 29.43 43.98 -24.87
C LEU B 15 30.85 43.58 -25.29
N ARG B 16 31.89 44.09 -24.59
CA ARG B 16 33.26 43.86 -25.01
C ARG B 16 33.55 42.37 -25.03
N GLU B 17 33.09 41.68 -23.98
CA GLU B 17 33.43 40.29 -23.75
C GLU B 17 32.92 39.46 -24.92
N GLN B 18 31.66 39.69 -25.30
CA GLN B 18 31.05 38.93 -26.38
C GLN B 18 31.82 39.20 -27.67
N ALA B 19 32.18 40.46 -27.85
CA ALA B 19 32.92 40.89 -29.02
C ALA B 19 34.23 40.10 -29.09
N ALA B 20 35.03 40.17 -28.04
CA ALA B 20 36.36 39.54 -28.08
C ALA B 20 36.22 38.02 -28.23
N GLU B 21 35.01 37.49 -28.14
CA GLU B 21 34.84 36.02 -28.18
C GLU B 21 34.46 35.57 -29.58
N LEU B 22 33.70 36.39 -30.30
CA LEU B 22 33.33 36.06 -31.70
C LEU B 22 34.63 35.87 -32.49
N LEU B 23 35.70 36.53 -32.07
CA LEU B 23 37.00 36.47 -32.78
C LEU B 23 37.63 35.09 -32.60
N SER B 24 37.17 34.30 -31.62
CA SER B 24 37.82 33.00 -31.31
C SER B 24 36.86 31.84 -31.57
N VAL B 25 35.64 31.93 -31.05
CA VAL B 25 34.68 30.81 -31.17
C VAL B 25 34.56 30.44 -32.64
N VAL B 26 34.66 31.44 -33.51
CA VAL B 26 34.45 31.13 -34.95
C VAL B 26 35.77 30.65 -35.50
N THR B 27 35.73 29.53 -36.18
CA THR B 27 36.96 28.87 -36.70
C THR B 27 38.19 29.34 -35.92
N GLU B 28 38.75 30.48 -36.27
CA GLU B 28 40.01 30.89 -35.61
C GLU B 28 40.79 29.59 -35.42
N HIS B 29 41.03 28.85 -36.52
CA HIS B 29 41.68 27.53 -36.41
C HIS B 29 42.80 27.62 -35.38
N PRO B 30 42.86 26.67 -34.44
CA PRO B 30 41.89 25.58 -34.42
C PRO B 30 40.60 25.98 -33.69
N GLU B 31 39.46 25.69 -34.30
CA GLU B 31 38.17 26.11 -33.70
C GLU B 31 38.08 25.55 -32.28
N PRO B 32 37.53 26.32 -31.32
CA PRO B 32 37.37 25.83 -29.96
C PRO B 32 36.13 24.93 -29.84
N GLY B 33 36.19 23.92 -28.99
CA GLY B 33 35.01 23.08 -28.75
C GLY B 33 33.92 23.89 -28.08
N LEU B 34 32.66 23.47 -28.21
CA LEU B 34 31.53 24.28 -27.69
C LEU B 34 31.38 24.07 -26.19
N GLY B 35 31.49 22.83 -25.73
CA GLY B 35 31.45 22.53 -24.30
C GLY B 35 32.55 23.25 -23.54
N ASP B 36 33.78 23.13 -24.05
CA ASP B 36 34.96 23.67 -23.37
C ASP B 36 34.84 25.19 -23.25
N VAL B 37 34.22 25.83 -24.25
CA VAL B 37 34.06 27.27 -24.22
C VAL B 37 33.16 27.61 -23.04
N GLY B 38 32.06 26.87 -22.94
CA GLY B 38 31.13 27.08 -21.85
C GLY B 38 31.83 26.89 -20.50
N TYR B 39 32.56 25.78 -20.38
CA TYR B 39 33.32 25.44 -19.20
C TYR B 39 34.21 26.63 -18.79
N SER B 40 34.98 27.18 -19.74
CA SER B 40 35.87 28.29 -19.45
C SER B 40 35.08 29.51 -18.97
N LEU B 41 34.05 29.91 -19.74
CA LEU B 41 33.28 31.10 -19.44
C LEU B 41 32.71 31.00 -18.03
N ALA B 42 32.56 29.75 -17.59
CA ALA B 42 31.91 29.41 -16.33
C ALA B 42 32.92 29.40 -15.19
N THR B 43 34.02 28.63 -15.35
CA THR B 43 35.00 28.38 -14.31
C THR B 43 36.12 29.42 -14.29
N GLY B 44 36.30 30.12 -15.42
CA GLY B 44 37.52 30.88 -15.69
C GLY B 44 37.34 32.37 -15.42
N ARG B 45 36.21 32.74 -14.80
CA ARG B 45 35.86 34.13 -14.65
C ARG B 45 34.75 34.31 -13.60
N ALA B 46 34.60 35.54 -13.11
CA ALA B 46 33.58 35.87 -12.12
C ALA B 46 32.20 35.98 -12.77
N ALA B 47 31.17 36.11 -11.92
CA ALA B 47 29.85 36.51 -12.37
C ALA B 47 29.53 37.88 -11.80
N MET B 48 29.43 38.88 -12.68
CA MET B 48 29.32 40.25 -12.22
C MET B 48 27.92 40.78 -12.49
N GLU B 49 27.62 41.99 -12.00
CA GLU B 49 26.24 42.47 -11.97
C GLU B 49 25.58 42.18 -13.33
N HIS B 50 26.13 42.74 -14.40
CA HIS B 50 25.50 42.64 -15.71
C HIS B 50 25.84 41.28 -16.31
N ARG B 51 24.84 40.45 -16.59
CA ARG B 51 25.06 39.06 -16.94
C ARG B 51 24.25 38.67 -18.16
N ALA B 52 24.58 37.51 -18.73
CA ALA B 52 23.85 36.97 -19.87
C ALA B 52 24.27 35.52 -20.10
N VAL B 53 23.36 34.75 -20.71
CA VAL B 53 23.58 33.34 -20.97
C VAL B 53 23.01 33.03 -22.35
N VAL B 54 23.87 32.54 -23.24
CA VAL B 54 23.49 32.15 -24.58
C VAL B 54 23.14 30.66 -24.57
N VAL B 55 21.85 30.36 -24.74
CA VAL B 55 21.41 28.98 -24.83
C VAL B 55 21.33 28.58 -26.30
N ALA B 56 22.23 27.70 -26.74
CA ALA B 56 22.30 27.32 -28.14
C ALA B 56 22.81 25.89 -28.32
N ASP B 57 22.77 25.40 -29.57
CA ASP B 57 23.15 24.04 -29.92
C ASP B 57 24.16 24.02 -31.08
N ASP B 58 24.40 25.17 -31.71
CA ASP B 58 25.21 25.26 -32.92
C ASP B 58 26.23 26.38 -32.75
N ARG B 59 27.39 26.24 -33.40
CA ARG B 59 28.34 27.35 -33.34
C ARG B 59 27.70 28.58 -33.96
N ASP B 60 26.89 28.35 -35.00
CA ASP B 60 26.17 29.43 -35.65
C ASP B 60 25.28 30.09 -34.60
N SER B 61 24.45 29.26 -33.95
CA SER B 61 23.40 29.79 -33.10
C SER B 61 24.00 30.61 -31.95
N PHE B 62 25.18 30.21 -31.50
CA PHE B 62 25.87 30.92 -30.44
C PHE B 62 26.36 32.26 -30.97
N VAL B 63 27.12 32.19 -32.05
CA VAL B 63 27.63 33.37 -32.75
C VAL B 63 26.51 34.39 -32.94
N ALA B 64 25.33 33.91 -33.32
CA ALA B 64 24.15 34.75 -33.45
C ALA B 64 23.95 35.54 -32.17
N GLY B 65 23.87 34.82 -31.04
CA GLY B 65 23.62 35.41 -29.74
C GLY B 65 24.75 36.38 -29.35
N LEU B 66 26.00 35.89 -29.46
CA LEU B 66 27.17 36.73 -29.22
C LEU B 66 27.08 38.00 -30.04
N THR B 67 26.88 37.82 -31.35
CA THR B 67 26.76 38.94 -32.24
C THR B 67 25.74 39.93 -31.69
N ALA B 68 24.59 39.45 -31.19
CA ALA B 68 23.54 40.34 -30.74
C ALA B 68 23.99 41.02 -29.45
N LEU B 69 24.60 40.23 -28.58
CA LEU B 69 24.98 40.64 -27.25
C LEU B 69 25.97 41.80 -27.36
N ALA B 70 26.94 41.65 -28.29
CA ALA B 70 27.98 42.64 -28.48
C ALA B 70 27.35 43.97 -28.88
N ALA B 71 26.49 43.90 -29.90
CA ALA B 71 25.93 45.07 -30.55
C ALA B 71 25.02 45.83 -29.58
N GLY B 72 24.53 45.10 -28.55
CA GLY B 72 23.61 45.63 -27.57
C GLY B 72 22.17 45.59 -28.08
N VAL B 73 21.85 44.53 -28.83
CA VAL B 73 20.48 44.22 -29.19
C VAL B 73 20.10 42.92 -28.49
N PRO B 74 18.78 42.67 -28.25
CA PRO B 74 18.31 41.36 -27.84
C PRO B 74 18.30 40.32 -28.96
N ALA B 75 18.44 39.05 -28.54
CA ALA B 75 18.10 37.86 -29.31
C ALA B 75 17.37 36.88 -28.40
N ALA B 76 16.64 35.93 -28.99
CA ALA B 76 15.79 35.07 -28.18
C ALA B 76 16.63 34.06 -27.39
N ASN B 77 17.67 33.53 -28.06
CA ASN B 77 18.55 32.51 -27.48
C ASN B 77 19.50 33.14 -26.45
N VAL B 78 19.38 34.45 -26.19
CA VAL B 78 20.21 35.11 -25.19
C VAL B 78 19.34 35.59 -24.04
N VAL B 79 19.64 35.14 -22.82
CA VAL B 79 18.94 35.55 -21.62
C VAL B 79 19.86 36.52 -20.87
N GLN B 80 19.40 37.77 -20.74
CA GLN B 80 20.13 38.81 -20.04
C GLN B 80 19.43 39.13 -18.73
N GLY B 81 20.18 39.70 -17.80
CA GLY B 81 19.63 40.18 -16.55
C GLY B 81 20.63 41.02 -15.78
N ALA B 82 20.20 41.53 -14.63
CA ALA B 82 20.95 42.52 -13.87
C ALA B 82 21.66 41.90 -12.66
N ALA B 83 21.17 40.78 -12.12
CA ALA B 83 21.82 40.10 -10.99
C ALA B 83 21.85 40.99 -9.77
N ASP B 84 20.72 41.64 -9.50
CA ASP B 84 20.59 42.52 -8.36
C ASP B 84 19.58 41.95 -7.36
N CYS B 85 19.18 40.68 -7.53
CA CYS B 85 18.17 40.04 -6.68
C CYS B 85 18.81 39.12 -5.65
N LYS B 86 18.82 39.55 -4.38
CA LYS B 86 19.33 38.73 -3.30
C LYS B 86 18.13 38.27 -2.49
N GLY B 87 18.01 36.95 -2.30
CA GLY B 87 16.85 36.41 -1.62
C GLY B 87 17.04 34.93 -1.31
N LYS B 88 16.02 34.34 -0.67
CA LYS B 88 16.02 32.93 -0.31
C LYS B 88 15.30 32.15 -1.40
N VAL B 89 15.68 30.88 -1.59
CA VAL B 89 15.21 30.07 -2.69
C VAL B 89 14.11 29.13 -2.20
N ALA B 90 12.99 29.12 -2.92
CA ALA B 90 11.93 28.16 -2.68
C ALA B 90 11.65 27.35 -3.94
N PHE B 91 11.30 26.06 -3.76
CA PHE B 91 10.72 25.24 -4.80
C PHE B 91 9.20 25.18 -4.58
N VAL B 92 8.44 25.55 -5.63
CA VAL B 92 7.00 25.44 -5.63
C VAL B 92 6.55 24.17 -6.37
N PHE B 93 5.64 23.43 -5.75
CA PHE B 93 5.11 22.17 -6.25
C PHE B 93 3.60 22.29 -6.44
N PRO B 94 3.10 22.64 -7.65
CA PRO B 94 1.66 22.80 -7.88
C PRO B 94 0.91 21.48 -7.96
N GLY B 95 -0.37 21.52 -8.36
CA GLY B 95 -1.25 20.36 -8.43
C GLY B 95 -1.26 19.71 -9.83
N GLN B 96 -2.38 19.05 -10.17
CA GLN B 96 -2.60 18.47 -11.50
C GLN B 96 -2.84 19.56 -12.55
N GLY B 97 -2.79 19.18 -13.82
CA GLY B 97 -2.92 20.12 -14.92
C GLY B 97 -1.58 20.48 -15.57
N SER B 98 -0.47 20.16 -14.89
CA SER B 98 0.87 20.24 -15.45
C SER B 98 1.09 19.11 -16.45
N HIS B 99 0.27 18.07 -16.39
CA HIS B 99 0.60 16.84 -17.10
C HIS B 99 0.41 17.03 -18.60
N TRP B 100 1.33 16.42 -19.36
CA TRP B 100 1.16 16.19 -20.78
C TRP B 100 1.91 14.91 -21.16
N GLN B 101 1.55 14.33 -22.32
CA GLN B 101 2.15 13.11 -22.81
C GLN B 101 3.67 13.26 -22.89
N GLY B 102 4.40 12.24 -22.44
CA GLY B 102 5.86 12.26 -22.40
C GLY B 102 6.47 13.59 -21.95
N MET B 103 6.01 14.15 -20.81
CA MET B 103 6.67 15.26 -20.14
C MET B 103 8.15 14.91 -19.95
N ALA B 104 8.41 13.61 -19.68
CA ALA B 104 9.69 13.15 -19.18
C ALA B 104 10.60 12.64 -20.29
N ARG B 105 10.07 12.58 -21.53
CA ARG B 105 10.73 11.83 -22.58
C ARG B 105 12.06 12.49 -22.97
N GLU B 106 12.05 13.81 -23.23
CA GLU B 106 13.25 14.52 -23.64
C GLU B 106 14.28 14.47 -22.52
N LEU B 107 13.93 15.03 -21.35
CA LEU B 107 14.88 15.33 -20.29
C LEU B 107 15.52 14.05 -19.79
N SER B 108 14.82 12.91 -19.95
CA SER B 108 15.37 11.62 -19.60
C SER B 108 16.62 11.34 -20.42
N GLU B 109 16.62 11.71 -21.71
CA GLU B 109 17.78 11.53 -22.59
C GLU B 109 18.95 12.38 -22.07
N SER B 110 18.68 13.67 -21.84
CA SER B 110 19.73 14.64 -21.56
C SER B 110 20.33 14.46 -20.17
N SER B 111 19.50 14.16 -19.16
CA SER B 111 19.94 14.19 -17.77
C SER B 111 19.91 12.80 -17.17
N PRO B 112 21.05 12.31 -16.62
CA PRO B 112 21.06 11.09 -15.82
C PRO B 112 20.27 11.25 -14.53
N VAL B 113 20.43 12.40 -13.83
CA VAL B 113 19.82 12.63 -12.53
C VAL B 113 18.31 12.41 -12.65
N PHE B 114 17.73 13.08 -13.67
CA PHE B 114 16.29 13.08 -13.85
C PHE B 114 15.82 11.63 -14.02
N ARG B 115 16.45 10.88 -14.94
CA ARG B 115 15.95 9.56 -15.27
C ARG B 115 16.12 8.63 -14.07
N ARG B 116 17.17 8.87 -13.26
CA ARG B 116 17.41 8.07 -12.07
C ARG B 116 16.27 8.22 -11.05
N LYS B 117 15.95 9.46 -10.67
CA LYS B 117 14.90 9.69 -9.69
C LYS B 117 13.57 9.15 -10.24
N LEU B 118 13.39 9.23 -11.56
CA LEU B 118 12.18 8.72 -12.18
C LEU B 118 12.09 7.21 -11.99
N ALA B 119 13.25 6.55 -12.08
CA ALA B 119 13.30 5.11 -11.90
C ALA B 119 12.97 4.75 -10.45
N GLU B 120 13.59 5.47 -9.50
CA GLU B 120 13.27 5.31 -8.08
C GLU B 120 11.76 5.35 -7.91
N CYS B 121 11.16 6.45 -8.36
CA CYS B 121 9.75 6.67 -8.17
C CYS B 121 8.94 5.51 -8.76
N ALA B 122 9.40 4.98 -9.90
CA ALA B 122 8.71 3.90 -10.60
C ALA B 122 8.74 2.62 -9.76
N ALA B 123 9.94 2.21 -9.35
CA ALA B 123 10.12 1.13 -8.39
C ALA B 123 9.18 1.31 -7.20
N ALA B 124 9.18 2.51 -6.60
CA ALA B 124 8.32 2.77 -5.47
C ALA B 124 6.85 2.39 -5.72
N THR B 125 6.38 2.57 -6.96
CA THR B 125 4.95 2.47 -7.24
C THR B 125 4.57 1.01 -7.51
N ALA B 126 5.58 0.17 -7.69
CA ALA B 126 5.38 -1.22 -8.11
C ALA B 126 4.33 -1.90 -7.25
N PRO B 127 4.49 -1.84 -5.90
CA PRO B 127 3.55 -2.43 -4.97
C PRO B 127 2.11 -1.95 -5.04
N TYR B 128 1.85 -0.85 -5.76
CA TYR B 128 0.55 -0.21 -5.65
C TYR B 128 -0.16 -0.16 -7.00
N VAL B 129 0.57 -0.42 -8.10
CA VAL B 129 0.00 -0.23 -9.43
C VAL B 129 0.26 -1.47 -10.27
N ASP B 130 -0.60 -1.66 -11.28
CA ASP B 130 -0.43 -2.79 -12.22
C ASP B 130 0.05 -2.25 -13.57
N TRP B 131 0.73 -1.10 -13.58
CA TRP B 131 1.12 -0.45 -14.85
C TRP B 131 2.51 0.18 -14.74
N SER B 132 3.06 0.67 -15.86
CA SER B 132 4.43 1.22 -15.86
C SER B 132 4.41 2.75 -15.84
N LEU B 133 4.90 3.36 -14.75
CA LEU B 133 4.98 4.83 -14.69
C LEU B 133 5.91 5.29 -15.80
N LEU B 134 7.01 4.58 -16.00
CA LEU B 134 8.01 5.05 -16.99
C LEU B 134 7.35 5.08 -18.36
N GLY B 135 6.56 4.05 -18.68
CA GLY B 135 5.85 4.05 -19.97
C GLY B 135 4.96 5.27 -20.09
N VAL B 136 4.15 5.53 -19.08
CA VAL B 136 3.29 6.74 -19.08
C VAL B 136 4.19 7.97 -19.12
N LEU B 137 5.23 7.98 -18.30
CA LEU B 137 6.13 9.17 -18.26
C LEU B 137 6.82 9.34 -19.62
N ARG B 138 6.81 8.30 -20.46
CA ARG B 138 7.49 8.36 -21.79
C ARG B 138 6.43 8.44 -22.88
N GLY B 139 5.20 8.04 -22.58
CA GLY B 139 4.11 8.07 -23.57
C GLY B 139 4.02 6.76 -24.34
N ASP B 140 4.81 5.75 -23.99
CA ASP B 140 4.66 4.44 -24.67
C ASP B 140 3.16 4.18 -24.88
N PRO B 141 2.69 4.04 -26.14
CA PRO B 141 1.26 3.91 -26.39
C PRO B 141 0.58 2.73 -25.67
N ASP B 142 1.35 1.74 -25.24
CA ASP B 142 0.77 0.52 -24.62
C ASP B 142 0.53 0.79 -23.13
N ALA B 143 0.84 1.99 -22.66
CA ALA B 143 0.74 2.29 -21.21
C ALA B 143 -0.55 3.07 -20.92
N PRO B 144 -0.93 3.29 -19.66
CA PRO B 144 -2.10 4.10 -19.34
C PRO B 144 -2.02 5.49 -19.98
N ALA B 145 -3.09 6.28 -19.91
CA ALA B 145 -3.10 7.56 -20.67
C ALA B 145 -3.39 8.81 -19.85
N LEU B 146 -2.69 9.04 -18.76
CA LEU B 146 -2.81 10.32 -18.05
C LEU B 146 -4.23 10.86 -18.04
N ASP B 147 -5.23 9.95 -17.96
CA ASP B 147 -6.64 10.32 -17.96
C ASP B 147 -7.33 9.73 -16.73
N ARG B 148 -6.54 9.35 -15.73
CA ARG B 148 -6.97 8.61 -14.54
C ARG B 148 -6.17 9.13 -13.36
N ASP B 149 -6.84 9.48 -12.25
CA ASP B 149 -6.16 10.19 -11.16
C ASP B 149 -4.86 9.48 -10.75
N ASP B 150 -4.90 8.20 -10.36
CA ASP B 150 -3.69 7.52 -9.93
C ASP B 150 -2.54 7.76 -10.91
N VAL B 151 -2.77 7.55 -12.21
CA VAL B 151 -1.72 7.70 -13.21
C VAL B 151 -1.17 9.12 -13.22
N ILE B 152 -2.07 10.10 -13.23
CA ILE B 152 -1.69 11.51 -13.23
C ILE B 152 -0.86 11.83 -11.98
N GLN B 153 -1.38 11.49 -10.80
CA GLN B 153 -0.86 12.01 -9.55
C GLN B 153 0.51 11.37 -9.29
N LEU B 154 0.64 10.09 -9.67
CA LEU B 154 1.88 9.36 -9.46
C LEU B 154 2.94 9.87 -10.45
N ALA B 155 2.50 10.18 -11.68
CA ALA B 155 3.38 10.69 -12.72
C ALA B 155 3.86 12.09 -12.37
N LEU B 156 2.93 12.98 -12.02
CA LEU B 156 3.29 14.34 -11.64
C LEU B 156 4.25 14.30 -10.44
N PHE B 157 3.96 13.44 -9.44
CA PHE B 157 4.83 13.29 -8.29
C PHE B 157 6.25 13.04 -8.78
N ALA B 158 6.40 11.99 -9.59
CA ALA B 158 7.69 11.58 -10.14
C ALA B 158 8.36 12.79 -10.79
N MET B 159 7.62 13.46 -11.68
CA MET B 159 8.14 14.60 -12.43
C MET B 159 8.65 15.67 -11.48
N MET B 160 7.81 16.12 -10.54
CA MET B 160 8.12 17.25 -9.69
C MET B 160 9.33 16.93 -8.81
N VAL B 161 9.31 15.76 -8.21
CA VAL B 161 10.43 15.29 -7.40
C VAL B 161 11.71 15.25 -8.24
N SER B 162 11.64 14.74 -9.48
CA SER B 162 12.80 14.60 -10.36
C SER B 162 13.29 15.95 -10.90
N LEU B 163 12.36 16.86 -11.25
CA LEU B 163 12.78 18.20 -11.60
C LEU B 163 13.47 18.89 -10.42
N ALA B 164 12.98 18.65 -9.20
CA ALA B 164 13.55 19.23 -8.00
C ALA B 164 14.98 18.73 -7.83
N GLU B 165 15.18 17.43 -8.10
CA GLU B 165 16.48 16.82 -7.87
C GLU B 165 17.50 17.43 -8.82
N LEU B 166 17.08 17.61 -10.08
CA LEU B 166 17.90 18.24 -11.10
C LEU B 166 18.33 19.64 -10.66
N TRP B 167 17.36 20.50 -10.34
CA TRP B 167 17.67 21.85 -9.89
C TRP B 167 18.71 21.80 -8.78
N ARG B 168 18.57 20.88 -7.83
CA ARG B 168 19.50 20.81 -6.72
C ARG B 168 20.87 20.34 -7.20
N SER B 169 20.92 19.21 -7.91
CA SER B 169 22.18 18.66 -8.37
C SER B 169 22.98 19.73 -9.13
N CYS B 170 22.27 20.69 -9.74
CA CYS B 170 22.91 21.77 -10.50
C CYS B 170 23.14 22.99 -9.63
N GLY B 171 23.04 22.83 -8.32
CA GLY B 171 23.56 23.81 -7.38
C GLY B 171 22.47 24.70 -6.77
N VAL B 172 21.25 24.65 -7.32
CA VAL B 172 20.13 25.43 -6.82
C VAL B 172 19.49 24.70 -5.63
N GLU B 173 19.86 25.14 -4.42
CA GLU B 173 19.49 24.48 -3.18
C GLU B 173 18.35 25.26 -2.52
N PRO B 174 17.18 24.62 -2.35
CA PRO B 174 16.01 25.29 -1.75
C PRO B 174 16.22 25.54 -0.27
N ALA B 175 15.90 26.76 0.15
CA ALA B 175 15.84 27.11 1.57
C ALA B 175 14.50 26.69 2.18
N ALA B 176 13.52 26.36 1.32
CA ALA B 176 12.15 26.10 1.72
C ALA B 176 11.41 25.49 0.54
N VAL B 177 10.31 24.78 0.81
CA VAL B 177 9.43 24.31 -0.25
C VAL B 177 8.02 24.76 0.10
N VAL B 178 7.24 25.08 -0.94
CA VAL B 178 5.82 25.31 -0.77
C VAL B 178 5.09 24.45 -1.81
N GLY B 179 4.08 23.71 -1.36
CA GLY B 179 3.31 22.84 -2.23
C GLY B 179 1.85 23.26 -2.27
N HIS B 180 1.17 22.88 -3.35
CA HIS B 180 -0.21 23.27 -3.60
C HIS B 180 -0.99 21.98 -3.84
N SER B 181 -1.96 21.70 -2.96
CA SER B 181 -2.78 20.50 -3.07
C SER B 181 -1.88 19.26 -3.06
N GLN B 182 -1.98 18.38 -4.07
CA GLN B 182 -1.21 17.14 -4.08
C GLN B 182 0.30 17.42 -4.11
N GLY B 183 0.67 18.65 -4.44
CA GLY B 183 2.07 19.01 -4.57
C GLY B 183 2.78 18.94 -3.22
N GLU B 184 2.01 19.16 -2.16
CA GLU B 184 2.51 19.10 -0.79
C GLU B 184 3.24 17.77 -0.55
N ILE B 185 2.72 16.69 -1.14
CA ILE B 185 3.28 15.35 -1.01
C ILE B 185 4.69 15.32 -1.57
N ALA B 186 4.81 15.81 -2.81
CA ALA B 186 6.11 15.93 -3.44
C ALA B 186 7.00 16.90 -2.66
N ALA B 187 6.45 18.05 -2.25
CA ALA B 187 7.22 18.99 -1.45
C ALA B 187 7.83 18.28 -0.25
N ALA B 188 7.00 17.58 0.52
CA ALA B 188 7.44 16.83 1.69
C ALA B 188 8.58 15.89 1.32
N HIS B 189 8.36 14.97 0.37
CA HIS B 189 9.42 14.05 -0.03
C HIS B 189 10.75 14.77 -0.26
N VAL B 190 10.68 15.98 -0.81
CA VAL B 190 11.87 16.71 -1.24
C VAL B 190 12.54 17.36 -0.03
N ALA B 191 11.73 17.81 0.93
CA ALA B 191 12.21 18.46 2.15
C ALA B 191 12.84 17.44 3.11
N GLY B 192 12.54 16.14 2.92
CA GLY B 192 12.99 15.09 3.84
C GLY B 192 11.93 14.66 4.85
N ALA B 193 10.75 15.31 4.84
CA ALA B 193 9.66 14.92 5.71
C ALA B 193 9.17 13.52 5.36
N LEU B 194 8.79 13.28 4.10
CA LEU B 194 8.18 12.01 3.70
C LEU B 194 9.22 11.13 3.04
N SER B 195 8.94 9.83 3.00
CA SER B 195 9.75 8.90 2.23
C SER B 195 9.08 8.70 0.87
N LEU B 196 9.90 8.33 -0.11
CA LEU B 196 9.35 7.91 -1.39
C LEU B 196 8.15 6.99 -1.16
N THR B 197 8.34 5.94 -0.36
CA THR B 197 7.31 4.92 -0.21
C THR B 197 6.05 5.49 0.42
N ASP B 198 6.24 6.33 1.45
CA ASP B 198 5.13 6.88 2.19
C ASP B 198 4.34 7.85 1.33
N ALA B 199 5.05 8.70 0.58
CA ALA B 199 4.46 9.58 -0.42
C ALA B 199 3.59 8.80 -1.41
N VAL B 200 4.17 7.75 -2.01
CA VAL B 200 3.47 6.97 -3.02
C VAL B 200 2.21 6.35 -2.43
N ARG B 201 2.37 5.74 -1.23
CA ARG B 201 1.28 5.16 -0.45
C ARG B 201 0.16 6.17 -0.20
N ILE B 202 0.54 7.39 0.26
CA ILE B 202 -0.38 8.50 0.48
C ILE B 202 -1.11 8.83 -0.81
N ILE B 203 -0.42 8.78 -1.97
CA ILE B 203 -1.05 9.24 -3.21
C ILE B 203 -2.02 8.17 -3.70
N ALA B 204 -1.67 6.89 -3.48
CA ALA B 204 -2.51 5.80 -3.92
C ALA B 204 -3.76 5.70 -3.03
N ALA B 205 -3.59 6.01 -1.75
CA ALA B 205 -4.71 6.11 -0.82
C ALA B 205 -5.67 7.20 -1.28
N ARG B 206 -5.12 8.40 -1.53
CA ARG B 206 -5.90 9.57 -1.88
C ARG B 206 -6.73 9.24 -3.12
N CYS B 207 -6.10 8.55 -4.06
CA CYS B 207 -6.72 8.21 -5.32
C CYS B 207 -7.81 7.16 -5.14
N ASP B 208 -7.63 6.17 -4.25
CA ASP B 208 -8.72 5.27 -3.90
C ASP B 208 -9.91 6.05 -3.37
N ALA B 209 -9.67 6.84 -2.32
CA ALA B 209 -10.71 7.53 -1.58
C ALA B 209 -11.63 8.29 -2.53
N VAL B 210 -11.00 9.11 -3.38
CA VAL B 210 -11.71 10.07 -4.21
C VAL B 210 -12.42 9.34 -5.36
N SER B 211 -12.13 8.06 -5.58
CA SER B 211 -12.68 7.33 -6.73
C SER B 211 -14.22 7.33 -6.70
N ALA B 212 -14.78 7.39 -5.49
CA ALA B 212 -16.21 7.57 -5.28
C ALA B 212 -16.71 8.89 -5.86
N LEU B 213 -15.99 9.98 -5.60
CA LEU B 213 -16.41 11.34 -5.95
C LEU B 213 -16.18 11.63 -7.43
N THR B 214 -15.62 10.64 -8.13
CA THR B 214 -15.20 10.81 -9.51
C THR B 214 -16.43 11.15 -10.35
N GLY B 215 -16.30 12.18 -11.19
CA GLY B 215 -17.34 12.55 -12.14
C GLY B 215 -18.51 13.28 -11.47
N LYS B 216 -18.50 13.36 -10.14
CA LYS B 216 -19.54 14.04 -9.39
C LYS B 216 -19.09 15.45 -9.03
N GLY B 217 -17.93 15.87 -9.53
CA GLY B 217 -17.40 17.18 -9.22
C GLY B 217 -16.29 17.60 -10.17
N GLY B 218 -15.85 18.86 -10.02
CA GLY B 218 -14.68 19.37 -10.70
C GLY B 218 -14.26 20.73 -10.13
N MET B 219 -13.31 21.38 -10.80
CA MET B 219 -12.76 22.64 -10.32
C MET B 219 -12.54 23.55 -11.53
N LEU B 220 -12.58 24.88 -11.28
CA LEU B 220 -12.53 25.90 -12.32
C LEU B 220 -11.69 27.08 -11.82
N ALA B 221 -10.68 27.45 -12.59
CA ALA B 221 -9.84 28.59 -12.27
C ALA B 221 -10.46 29.86 -12.85
N ILE B 222 -10.36 30.98 -12.11
CA ILE B 222 -11.07 32.20 -12.43
C ILE B 222 -10.12 33.38 -12.17
N ALA B 223 -10.14 34.38 -13.05
CA ALA B 223 -9.20 35.47 -12.98
C ALA B 223 -9.80 36.61 -12.16
N LEU B 224 -10.31 36.30 -10.97
CA LEU B 224 -10.95 37.28 -10.12
C LEU B 224 -10.45 37.13 -8.69
N PRO B 225 -10.27 38.22 -7.93
CA PRO B 225 -9.99 38.14 -6.50
C PRO B 225 -11.10 37.37 -5.77
N GLU B 226 -10.73 36.66 -4.70
CA GLU B 226 -11.69 35.89 -3.94
C GLU B 226 -12.98 36.70 -3.75
N SER B 227 -12.84 37.93 -3.24
CA SER B 227 -13.98 38.77 -2.90
C SER B 227 -15.06 38.68 -3.97
N ALA B 228 -14.68 38.99 -5.22
CA ALA B 228 -15.59 38.93 -6.35
C ALA B 228 -16.27 37.57 -6.43
N VAL B 229 -15.46 36.51 -6.45
CA VAL B 229 -15.92 35.14 -6.70
C VAL B 229 -16.91 34.74 -5.61
N VAL B 230 -16.59 35.12 -4.36
CA VAL B 230 -17.46 34.87 -3.22
C VAL B 230 -18.86 35.39 -3.51
N LYS B 231 -18.95 36.62 -4.05
CA LYS B 231 -20.24 37.23 -4.36
C LYS B 231 -21.03 36.30 -5.27
N ARG B 232 -20.37 35.87 -6.36
CA ARG B 232 -21.03 35.22 -7.48
C ARG B 232 -21.45 33.81 -7.09
N ILE B 233 -20.87 33.27 -6.01
CA ILE B 233 -21.17 31.93 -5.54
C ILE B 233 -21.88 31.97 -4.18
N ALA B 234 -22.16 33.19 -3.71
CA ALA B 234 -22.85 33.44 -2.45
C ALA B 234 -24.07 32.54 -2.29
N GLY B 235 -24.85 32.35 -3.36
CA GLY B 235 -26.10 31.61 -3.28
C GLY B 235 -25.91 30.11 -3.57
N LEU B 236 -24.67 29.74 -3.86
CA LEU B 236 -24.39 28.45 -4.46
C LEU B 236 -23.56 27.64 -3.47
N PRO B 237 -24.20 26.85 -2.59
CA PRO B 237 -23.48 26.05 -1.61
C PRO B 237 -22.85 24.80 -2.23
N GLU B 238 -23.18 24.51 -3.50
CA GLU B 238 -22.58 23.38 -4.20
C GLU B 238 -21.37 23.87 -4.99
N LEU B 239 -20.95 25.13 -4.76
CA LEU B 239 -19.66 25.63 -5.17
C LEU B 239 -18.95 26.27 -3.98
N THR B 240 -17.61 26.15 -4.00
CA THR B 240 -16.74 26.50 -2.89
C THR B 240 -15.43 27.05 -3.47
N VAL B 241 -14.91 28.11 -2.85
CA VAL B 241 -13.53 28.52 -3.04
C VAL B 241 -12.61 27.37 -2.60
N ALA B 242 -11.75 26.92 -3.52
CA ALA B 242 -10.86 25.81 -3.24
C ALA B 242 -9.42 26.31 -3.13
N ALA B 243 -9.11 27.45 -3.77
CA ALA B 243 -7.76 27.99 -3.77
C ALA B 243 -7.77 29.48 -4.05
N VAL B 244 -6.87 30.20 -3.39
CA VAL B 244 -6.55 31.59 -3.71
C VAL B 244 -5.10 31.67 -4.19
N ASN B 245 -4.92 31.47 -5.50
CA ASN B 245 -3.61 31.33 -6.14
C ASN B 245 -2.94 32.70 -6.30
N GLY B 246 -3.71 33.78 -6.14
CA GLY B 246 -3.13 35.12 -6.16
C GLY B 246 -4.15 36.22 -5.92
N PRO B 247 -3.70 37.49 -5.88
CA PRO B 247 -4.59 38.63 -5.62
C PRO B 247 -5.61 38.83 -6.74
N GLY B 248 -5.39 38.18 -7.90
CA GLY B 248 -6.40 38.14 -8.95
C GLY B 248 -6.58 36.76 -9.57
N SER B 249 -6.36 35.71 -8.77
CA SER B 249 -6.48 34.32 -9.20
C SER B 249 -7.20 33.49 -8.13
N THR B 250 -8.22 32.70 -8.54
CA THR B 250 -9.11 32.02 -7.61
C THR B 250 -9.65 30.75 -8.26
N VAL B 251 -9.65 29.64 -7.52
CA VAL B 251 -10.18 28.37 -8.02
C VAL B 251 -11.42 28.01 -7.19
N VAL B 252 -12.36 27.30 -7.83
CA VAL B 252 -13.68 27.04 -7.28
C VAL B 252 -13.98 25.56 -7.51
N SER B 253 -14.33 24.84 -6.45
CA SER B 253 -14.61 23.41 -6.53
C SER B 253 -16.08 23.19 -6.19
N GLY B 254 -16.74 22.25 -6.87
CA GLY B 254 -18.15 22.01 -6.62
C GLY B 254 -18.77 21.11 -7.68
N GLU B 255 -20.10 21.11 -7.76
CA GLU B 255 -20.82 20.20 -8.65
C GLU B 255 -20.62 20.64 -10.10
N PRO B 256 -20.62 19.69 -11.07
CA PRO B 256 -20.44 20.00 -12.48
C PRO B 256 -21.39 21.08 -12.99
N SER B 257 -22.70 20.86 -12.82
CA SER B 257 -23.70 21.77 -13.36
C SER B 257 -23.34 23.22 -13.03
N ALA B 258 -23.17 23.49 -11.74
CA ALA B 258 -22.88 24.83 -11.23
C ALA B 258 -21.68 25.44 -11.95
N LEU B 259 -20.55 24.70 -11.95
CA LEU B 259 -19.31 25.12 -12.58
C LEU B 259 -19.58 25.57 -14.02
N GLU B 260 -20.27 24.73 -14.80
CA GLU B 260 -20.59 25.02 -16.19
C GLU B 260 -21.34 26.35 -16.27
N ARG B 261 -22.45 26.48 -15.53
CA ARG B 261 -23.24 27.69 -15.56
C ARG B 261 -22.41 28.88 -15.10
N LEU B 262 -21.63 28.73 -14.01
CA LEU B 262 -20.74 29.80 -13.57
C LEU B 262 -19.79 30.21 -14.70
N GLN B 263 -19.24 29.22 -15.40
CA GLN B 263 -18.29 29.50 -16.48
C GLN B 263 -19.00 30.25 -17.60
N THR B 264 -20.18 29.76 -17.99
CA THR B 264 -21.07 30.47 -18.91
C THR B 264 -21.22 31.94 -18.48
N GLU B 265 -21.76 32.18 -17.28
CA GLU B 265 -21.94 33.54 -16.78
C GLU B 265 -20.65 34.32 -16.98
N LEU B 266 -19.52 33.76 -16.50
CA LEU B 266 -18.23 34.43 -16.53
C LEU B 266 -17.70 34.55 -17.97
N THR B 267 -17.98 33.54 -18.81
CA THR B 267 -17.59 33.60 -20.21
C THR B 267 -18.37 34.72 -20.91
N ALA B 268 -19.61 34.93 -20.46
CA ALA B 268 -20.46 36.01 -20.96
C ALA B 268 -20.22 37.31 -20.20
N GLU B 269 -19.12 37.40 -19.44
CA GLU B 269 -18.69 38.68 -18.86
C GLU B 269 -17.23 38.94 -19.20
N ASN B 270 -16.75 38.38 -20.33
CA ASN B 270 -15.35 38.45 -20.73
C ASN B 270 -14.44 38.22 -19.53
N VAL B 271 -14.74 37.18 -18.75
CA VAL B 271 -13.88 36.74 -17.67
C VAL B 271 -13.10 35.52 -18.16
N GLN B 272 -11.77 35.61 -18.00
CA GLN B 272 -10.86 34.55 -18.39
C GLN B 272 -10.93 33.41 -17.37
N THR B 273 -11.53 32.27 -17.77
CA THR B 273 -11.67 31.11 -16.91
C THR B 273 -10.96 29.93 -17.58
N ARG B 274 -10.65 28.89 -16.79
CA ARG B 274 -10.08 27.67 -17.34
C ARG B 274 -10.45 26.51 -16.41
N ARG B 275 -11.25 25.57 -16.92
CA ARG B 275 -11.61 24.38 -16.17
C ARG B 275 -10.32 23.61 -15.91
N VAL B 276 -10.22 22.96 -14.73
CA VAL B 276 -9.05 22.20 -14.34
C VAL B 276 -9.21 20.74 -14.80
N GLY B 277 -8.06 20.08 -15.07
CA GLY B 277 -8.02 18.65 -15.34
C GLY B 277 -8.14 17.82 -14.07
N ILE B 278 -9.30 17.86 -13.43
CA ILE B 278 -9.60 17.03 -12.28
C ILE B 278 -10.98 16.40 -12.52
N ASP B 279 -11.21 15.21 -11.96
CA ASP B 279 -12.48 14.51 -12.14
C ASP B 279 -13.24 14.46 -10.82
N TYR B 280 -12.78 15.25 -9.83
CA TYR B 280 -13.42 15.29 -8.52
C TYR B 280 -13.28 16.70 -7.94
N ALA B 281 -14.04 16.96 -6.85
CA ALA B 281 -14.09 18.28 -6.26
C ALA B 281 -13.13 18.38 -5.07
N SER B 282 -11.82 18.30 -5.35
CA SER B 282 -10.79 18.48 -4.34
C SER B 282 -10.96 19.82 -3.61
N HIS B 283 -10.49 19.85 -2.37
CA HIS B 283 -10.59 21.03 -1.51
C HIS B 283 -12.02 21.53 -1.44
N SER B 284 -12.95 20.58 -1.26
CA SER B 284 -14.38 20.90 -1.19
C SER B 284 -15.06 20.05 -0.12
N PRO B 285 -16.29 20.43 0.28
CA PRO B 285 -17.08 19.63 1.22
C PRO B 285 -17.34 18.20 0.77
N GLN B 286 -17.18 17.88 -0.52
CA GLN B 286 -17.37 16.51 -0.96
C GLN B 286 -16.30 15.60 -0.33
N ILE B 287 -15.17 16.17 0.12
CA ILE B 287 -14.01 15.39 0.53
C ILE B 287 -14.27 14.81 1.92
N ALA B 288 -15.32 15.29 2.58
CA ALA B 288 -15.66 14.83 3.91
C ALA B 288 -16.29 13.44 3.85
N GLN B 289 -16.87 13.09 2.69
CA GLN B 289 -17.55 11.82 2.51
C GLN B 289 -16.56 10.67 2.36
N VAL B 290 -15.26 11.00 2.31
CA VAL B 290 -14.25 9.98 2.07
C VAL B 290 -13.16 10.05 3.14
N GLN B 291 -13.37 10.84 4.19
CA GLN B 291 -12.42 10.92 5.29
C GLN B 291 -12.15 9.53 5.86
N GLY B 292 -13.22 8.75 6.03
CA GLY B 292 -13.10 7.40 6.57
C GLY B 292 -12.17 6.53 5.75
N ARG B 293 -12.53 6.32 4.47
CA ARG B 293 -11.78 5.46 3.56
C ARG B 293 -10.30 5.82 3.62
N LEU B 294 -10.04 7.11 3.39
CA LEU B 294 -8.70 7.64 3.34
C LEU B 294 -7.99 7.34 4.66
N LEU B 295 -8.49 7.91 5.77
CA LEU B 295 -7.82 7.76 7.04
C LEU B 295 -7.76 6.29 7.46
N ASP B 296 -8.44 5.40 6.73
CA ASP B 296 -8.44 3.98 7.05
C ASP B 296 -7.31 3.26 6.33
N ARG B 297 -7.24 3.41 4.99
CA ARG B 297 -6.14 2.85 4.22
C ARG B 297 -4.85 3.49 4.70
N LEU B 298 -4.88 4.81 4.89
CA LEU B 298 -3.65 5.54 5.17
C LEU B 298 -3.00 4.93 6.41
N GLY B 299 -3.81 4.74 7.46
CA GLY B 299 -3.27 4.24 8.72
C GLY B 299 -2.32 5.28 9.34
N GLU B 300 -1.17 4.81 9.82
CA GLU B 300 -0.15 5.66 10.40
C GLU B 300 0.74 6.15 9.27
N VAL B 301 0.92 7.47 9.20
CA VAL B 301 1.90 8.06 8.30
C VAL B 301 3.01 8.67 9.14
N GLY B 302 4.21 8.09 9.05
CA GLY B 302 5.38 8.65 9.70
C GLY B 302 5.99 9.79 8.91
N SER B 303 6.07 10.98 9.54
CA SER B 303 6.80 12.12 8.99
C SER B 303 8.06 12.33 9.81
N GLU B 304 9.07 12.96 9.20
CA GLU B 304 10.35 13.22 9.86
C GLU B 304 10.61 14.72 9.89
N PRO B 305 11.23 15.27 10.95
CA PRO B 305 11.66 16.67 10.92
C PRO B 305 12.56 16.91 9.72
N ALA B 306 12.42 18.08 9.08
CA ALA B 306 12.99 18.31 7.76
C ALA B 306 14.23 19.19 7.89
N GLU B 307 15.20 19.02 7.00
CA GLU B 307 16.31 19.95 6.92
C GLU B 307 15.85 21.26 6.26
N ILE B 308 15.02 21.14 5.22
CA ILE B 308 14.46 22.28 4.50
C ILE B 308 13.12 22.64 5.15
N ALA B 309 12.77 23.93 5.04
CA ALA B 309 11.54 24.46 5.58
C ALA B 309 10.35 23.96 4.78
N PHE B 310 9.17 23.97 5.42
CA PHE B 310 7.95 23.48 4.80
C PHE B 310 6.80 24.44 5.14
N TYR B 311 6.51 25.37 4.22
CA TYR B 311 5.35 26.26 4.37
C TYR B 311 4.10 25.53 3.88
N SER B 312 3.13 25.31 4.79
CA SER B 312 1.91 24.57 4.47
C SER B 312 0.89 25.48 3.80
N THR B 313 0.36 25.06 2.65
CA THR B 313 -0.74 25.80 2.05
C THR B 313 -2.05 25.51 2.80
N VAL B 314 -2.03 24.56 3.73
CA VAL B 314 -3.19 24.30 4.56
C VAL B 314 -3.27 25.36 5.64
N THR B 315 -2.20 25.48 6.44
CA THR B 315 -2.11 26.42 7.54
C THR B 315 -1.76 27.80 7.01
N GLY B 316 -0.77 27.86 6.11
CA GLY B 316 -0.26 29.11 5.57
C GLY B 316 0.92 29.65 6.37
N GLU B 317 1.62 28.75 7.08
CA GLU B 317 2.78 29.09 7.88
C GLU B 317 3.77 27.92 7.83
N ARG B 318 5.06 28.23 8.02
CA ARG B 318 6.08 27.20 8.22
C ARG B 318 5.57 26.22 9.28
N THR B 319 5.39 24.95 8.89
CA THR B 319 4.96 23.92 9.82
C THR B 319 6.14 22.99 10.11
N ASP B 320 6.03 22.21 11.20
CA ASP B 320 7.04 21.24 11.58
C ASP B 320 6.70 19.92 10.90
N THR B 321 7.47 19.53 9.88
CA THR B 321 7.43 18.17 9.37
C THR B 321 7.60 17.20 10.55
N GLY B 322 7.04 15.99 10.44
CA GLY B 322 6.98 15.12 11.60
C GLY B 322 5.64 15.27 12.33
N ARG B 323 5.03 16.46 12.21
CA ARG B 323 3.63 16.66 12.54
C ARG B 323 2.73 16.27 11.35
N LEU B 324 3.31 15.80 10.23
CA LEU B 324 2.52 15.55 9.02
C LEU B 324 1.93 14.13 9.06
N ASP B 325 1.05 13.90 10.05
CA ASP B 325 0.35 12.63 10.24
C ASP B 325 -0.67 12.46 9.12
N ALA B 326 -1.27 11.26 9.05
CA ALA B 326 -2.37 10.99 8.15
C ALA B 326 -3.45 12.07 8.21
N ASP B 327 -3.64 12.70 9.37
CA ASP B 327 -4.63 13.78 9.50
C ASP B 327 -4.25 14.94 8.57
N TYR B 328 -2.98 15.36 8.62
CA TYR B 328 -2.50 16.44 7.76
C TYR B 328 -2.84 16.11 6.30
N TRP B 329 -2.77 14.83 5.95
CA TRP B 329 -2.95 14.40 4.57
C TRP B 329 -4.42 14.34 4.14
N TYR B 330 -5.35 14.09 5.08
CA TYR B 330 -6.77 14.23 4.77
C TYR B 330 -7.09 15.73 4.69
N GLN B 331 -6.40 16.50 5.53
CA GLN B 331 -6.62 17.93 5.59
C GLN B 331 -6.09 18.60 4.32
N ASN B 332 -4.94 18.12 3.84
CA ASN B 332 -4.36 18.56 2.58
C ASN B 332 -5.39 18.55 1.47
N LEU B 333 -6.23 17.50 1.46
CA LEU B 333 -7.15 17.20 0.36
C LEU B 333 -8.51 17.86 0.61
N ARG B 334 -8.78 18.33 1.83
CA ARG B 334 -10.10 18.79 2.21
C ARG B 334 -10.15 20.32 2.36
N GLN B 335 -9.00 20.99 2.34
CA GLN B 335 -8.94 22.37 2.76
C GLN B 335 -8.53 23.28 1.59
N PRO B 336 -9.18 24.45 1.44
CA PRO B 336 -8.74 25.47 0.49
C PRO B 336 -7.25 25.70 0.70
N VAL B 337 -6.55 26.18 -0.34
CA VAL B 337 -5.11 25.97 -0.41
C VAL B 337 -4.32 27.23 -0.07
N ARG B 338 -4.98 28.38 0.07
CA ARG B 338 -4.33 29.55 0.66
C ARG B 338 -2.91 29.70 0.13
N PHE B 339 -2.75 29.81 -1.19
CA PHE B 339 -1.43 29.85 -1.79
C PHE B 339 -0.88 31.27 -1.66
N GLN B 340 -1.68 32.24 -2.10
CA GLN B 340 -1.29 33.64 -2.02
C GLN B 340 -0.78 33.95 -0.62
N GLN B 341 -1.57 33.55 0.39
CA GLN B 341 -1.26 33.86 1.78
C GLN B 341 0.09 33.24 2.12
N THR B 342 0.32 31.98 1.71
CA THR B 342 1.56 31.27 2.04
C THR B 342 2.76 32.02 1.42
N VAL B 343 2.63 32.44 0.15
CA VAL B 343 3.74 33.04 -0.56
C VAL B 343 4.05 34.40 0.04
N ALA B 344 2.99 35.19 0.27
CA ALA B 344 3.13 36.49 0.90
C ALA B 344 3.97 36.40 2.17
N ARG B 345 3.66 35.42 3.05
CA ARG B 345 4.44 35.19 4.26
C ARG B 345 5.87 34.85 3.86
N MET B 346 6.03 33.90 2.92
CA MET B 346 7.33 33.44 2.48
C MET B 346 8.18 34.63 2.02
N ALA B 347 7.52 35.64 1.41
CA ALA B 347 8.13 36.91 1.06
C ALA B 347 8.59 37.65 2.31
N ASP B 348 7.65 38.02 3.19
CA ASP B 348 7.95 38.63 4.49
C ASP B 348 9.10 37.91 5.20
N GLN B 349 9.27 36.61 4.94
CA GLN B 349 10.32 35.81 5.57
C GLN B 349 11.60 35.77 4.72
N GLY B 350 11.61 36.45 3.57
CA GLY B 350 12.86 36.72 2.88
C GLY B 350 13.05 35.94 1.58
N TYR B 351 12.01 35.26 1.11
CA TYR B 351 12.18 34.45 -0.08
C TYR B 351 11.92 35.34 -1.28
N ARG B 352 12.90 35.44 -2.18
CA ARG B 352 12.78 36.30 -3.34
C ARG B 352 12.92 35.50 -4.65
N PHE B 353 13.39 34.25 -4.57
CA PHE B 353 13.49 33.36 -5.71
C PHE B 353 12.45 32.24 -5.59
N PHE B 354 11.72 31.95 -6.67
CA PHE B 354 10.69 30.89 -6.63
C PHE B 354 10.78 30.06 -7.91
N VAL B 355 11.13 28.77 -7.78
CA VAL B 355 11.26 27.85 -8.95
C VAL B 355 10.07 26.90 -8.93
N GLU B 356 9.17 27.00 -9.90
CA GLU B 356 8.07 26.02 -9.97
C GLU B 356 8.62 24.78 -10.63
N VAL B 357 8.80 23.73 -9.83
CA VAL B 357 9.35 22.46 -10.34
C VAL B 357 8.19 21.70 -10.97
N SER B 358 7.70 22.18 -12.11
CA SER B 358 6.49 21.58 -12.71
C SER B 358 6.68 21.22 -14.18
N PRO B 359 5.98 20.19 -14.70
CA PRO B 359 6.03 19.87 -16.12
C PRO B 359 5.41 21.01 -16.94
N HIS B 360 4.62 21.88 -16.34
CA HIS B 360 4.02 23.06 -17.02
C HIS B 360 3.72 24.12 -15.97
N PRO B 361 3.95 25.42 -16.24
CA PRO B 361 3.79 26.45 -15.21
C PRO B 361 2.30 26.67 -14.91
N LEU B 362 1.94 26.52 -13.63
CA LEU B 362 0.54 26.61 -13.21
C LEU B 362 0.36 27.78 -12.23
N LEU B 363 1.41 28.20 -11.52
CA LEU B 363 1.25 29.18 -10.46
C LEU B 363 2.23 30.32 -10.60
N THR B 364 2.83 30.44 -11.79
CA THR B 364 3.90 31.39 -12.01
C THR B 364 3.35 32.81 -11.85
N ALA B 365 2.19 33.05 -12.45
CA ALA B 365 1.59 34.38 -12.46
C ALA B 365 1.24 34.81 -11.05
N GLY B 366 0.54 33.93 -10.33
CA GLY B 366 0.11 34.21 -8.98
C GLY B 366 1.27 34.64 -8.08
N ILE B 367 2.39 33.89 -8.14
CA ILE B 367 3.55 34.23 -7.35
C ILE B 367 4.04 35.63 -7.71
N GLN B 368 4.10 35.94 -9.00
CA GLN B 368 4.51 37.26 -9.46
C GLN B 368 3.58 38.35 -8.89
N GLU B 369 2.28 38.23 -9.16
CA GLU B 369 1.32 39.24 -8.72
C GLU B 369 1.36 39.40 -7.20
N THR B 370 1.50 38.28 -6.47
CA THR B 370 1.55 38.27 -5.01
C THR B 370 2.76 39.06 -4.51
N LEU B 371 3.94 38.75 -5.08
CA LEU B 371 5.16 39.43 -4.70
C LEU B 371 5.03 40.93 -4.95
N GLU B 372 4.39 41.30 -6.07
CA GLU B 372 4.33 42.70 -6.47
C GLU B 372 3.19 43.41 -5.75
N ALA B 373 2.21 42.65 -5.25
CA ALA B 373 1.22 43.18 -4.30
C ALA B 373 1.91 43.63 -3.00
N ALA B 374 2.93 42.88 -2.56
CA ALA B 374 3.65 43.19 -1.34
C ALA B 374 4.89 44.03 -1.65
N ASP B 375 4.85 44.72 -2.79
CA ASP B 375 5.94 45.55 -3.29
C ASP B 375 7.29 44.93 -2.95
N ALA B 376 7.39 43.61 -3.11
CA ALA B 376 8.62 42.89 -2.87
C ALA B 376 8.91 41.96 -4.05
N GLY B 377 9.23 42.55 -5.20
CA GLY B 377 9.55 41.76 -6.37
C GLY B 377 10.79 40.88 -6.15
N GLY B 378 10.87 39.80 -6.95
CA GLY B 378 12.03 38.94 -7.08
C GLY B 378 11.93 38.17 -8.39
N VAL B 379 12.33 36.89 -8.40
CA VAL B 379 12.41 36.11 -9.63
C VAL B 379 11.46 34.90 -9.52
N VAL B 380 10.62 34.72 -10.53
CA VAL B 380 9.69 33.59 -10.56
C VAL B 380 9.86 32.91 -11.90
N VAL B 381 10.42 31.71 -11.88
CA VAL B 381 10.55 30.92 -13.11
C VAL B 381 9.80 29.61 -12.91
N GLY B 382 9.39 28.99 -14.01
CA GLY B 382 8.99 27.59 -14.01
C GLY B 382 10.14 26.66 -14.41
N SER B 383 9.83 25.55 -15.08
CA SER B 383 10.84 24.55 -15.43
C SER B 383 10.67 24.11 -16.89
N LEU B 384 9.62 23.30 -17.14
CA LEU B 384 9.24 22.86 -18.48
C LEU B 384 7.87 23.44 -18.83
N ARG B 385 7.42 23.18 -20.08
CA ARG B 385 6.10 23.60 -20.64
C ARG B 385 5.62 22.53 -21.64
N ARG B 386 4.40 22.58 -22.19
CA ARG B 386 3.83 21.50 -23.05
C ARG B 386 4.46 21.47 -24.45
N GLY B 387 5.26 20.44 -24.73
CA GLY B 387 6.00 20.36 -26.00
C GLY B 387 7.39 20.91 -25.81
N GLU B 388 7.62 21.60 -24.69
CA GLU B 388 8.96 22.14 -24.40
C GLU B 388 9.45 21.58 -23.07
N GLY B 389 9.95 20.34 -23.07
CA GLY B 389 10.48 19.73 -21.84
C GLY B 389 11.86 19.14 -22.05
N GLY B 390 12.78 19.94 -22.58
CA GLY B 390 14.16 19.46 -22.82
C GLY B 390 15.16 20.42 -22.24
N SER B 391 16.45 20.16 -22.45
CA SER B 391 17.50 21.00 -21.85
C SER B 391 17.22 22.46 -22.16
N ARG B 392 16.72 22.75 -23.36
CA ARG B 392 16.55 24.17 -23.77
C ARG B 392 15.54 24.85 -22.85
N ARG B 393 14.39 24.22 -22.63
CA ARG B 393 13.38 24.94 -21.81
C ARG B 393 13.92 25.05 -20.39
N TRP B 394 14.58 24.01 -19.90
CA TRP B 394 15.07 24.05 -18.51
C TRP B 394 16.20 25.07 -18.42
N LEU B 395 17.17 24.97 -19.31
CA LEU B 395 18.35 25.86 -19.21
C LEU B 395 17.89 27.31 -19.22
N THR B 396 16.85 27.61 -20.00
CA THR B 396 16.36 29.00 -20.09
C THR B 396 15.79 29.40 -18.73
N SER B 397 14.98 28.53 -18.14
CA SER B 397 14.37 28.83 -16.82
C SER B 397 15.49 29.02 -15.80
N LEU B 398 16.45 28.11 -15.76
CA LEU B 398 17.61 28.25 -14.84
C LEU B 398 18.33 29.56 -15.17
N ALA B 399 18.62 29.79 -16.44
CA ALA B 399 19.35 30.97 -16.88
C ALA B 399 18.68 32.24 -16.37
N GLU B 400 17.37 32.34 -16.58
CA GLU B 400 16.62 33.52 -16.16
C GLU B 400 16.86 33.77 -14.66
N CYS B 401 17.08 32.71 -13.88
CA CYS B 401 17.43 32.88 -12.48
C CYS B 401 18.88 33.35 -12.32
N GLN B 402 19.80 32.67 -13.02
CA GLN B 402 21.22 32.93 -12.83
C GLN B 402 21.52 34.39 -13.18
N VAL B 403 20.88 34.90 -14.23
CA VAL B 403 21.18 36.23 -14.69
C VAL B 403 20.75 37.23 -13.63
N ARG B 404 19.77 36.84 -12.80
CA ARG B 404 19.25 37.74 -11.77
C ARG B 404 19.98 37.50 -10.45
N GLY B 405 20.92 36.56 -10.45
CA GLY B 405 21.92 36.46 -9.39
C GLY B 405 21.88 35.15 -8.60
N LEU B 406 21.12 34.15 -9.08
CA LEU B 406 21.12 32.85 -8.42
C LEU B 406 22.49 32.21 -8.56
N PRO B 407 23.07 31.66 -7.47
CA PRO B 407 24.26 30.81 -7.58
C PRO B 407 23.88 29.48 -8.22
N VAL B 408 24.84 28.89 -8.93
CA VAL B 408 24.62 27.77 -9.82
C VAL B 408 25.94 27.03 -9.99
N ASN B 409 25.87 25.70 -10.15
CA ASN B 409 27.03 24.90 -10.49
C ASN B 409 27.02 24.55 -11.97
N TRP B 410 27.67 25.39 -12.78
CA TRP B 410 27.60 25.21 -14.22
C TRP B 410 28.17 23.84 -14.62
N GLU B 411 29.13 23.31 -13.86
CA GLU B 411 29.74 22.04 -14.27
C GLU B 411 28.64 20.97 -14.34
N GLN B 412 27.87 20.86 -13.25
CA GLN B 412 26.79 19.90 -13.16
C GLN B 412 25.70 20.26 -14.18
N VAL B 413 25.49 21.56 -14.40
CA VAL B 413 24.53 21.99 -15.40
C VAL B 413 24.91 21.37 -16.74
N PHE B 414 26.20 21.46 -17.10
CA PHE B 414 26.68 20.97 -18.38
C PHE B 414 26.53 19.46 -18.49
N LEU B 415 26.66 18.73 -17.38
CA LEU B 415 26.40 17.31 -17.41
C LEU B 415 24.98 17.08 -17.90
N ASN B 416 24.00 17.57 -17.14
CA ASN B 416 22.60 17.26 -17.40
C ASN B 416 22.18 17.86 -18.75
N THR B 417 22.79 18.97 -19.14
CA THR B 417 22.35 19.69 -20.33
C THR B 417 22.82 18.97 -21.59
N GLY B 418 24.08 18.53 -21.60
CA GLY B 418 24.68 17.92 -22.77
C GLY B 418 23.67 17.74 -23.90
N GLY C 1 -13.27 12.65 16.93
CA GLY C 1 -14.04 11.43 17.16
C GLY C 1 -15.51 11.62 16.84
N ALA C 2 -16.30 10.54 16.88
CA ALA C 2 -17.73 10.65 16.51
C ALA C 2 -18.55 11.17 17.70
N PHE C 3 -19.56 11.99 17.42
CA PHE C 3 -20.44 12.52 18.48
C PHE C 3 -21.88 12.39 17.98
N PRO C 4 -22.84 11.95 18.83
CA PRO C 4 -24.22 11.79 18.40
C PRO C 4 -25.03 13.06 18.62
N TRP C 5 -25.67 13.56 17.57
CA TRP C 5 -26.55 14.73 17.78
C TRP C 5 -27.99 14.26 17.80
N PRO C 6 -28.66 14.28 18.97
CA PRO C 6 -30.03 13.78 19.08
C PRO C 6 -31.07 14.85 18.74
N LEU C 7 -32.02 14.54 17.85
CA LEU C 7 -33.09 15.49 17.49
C LEU C 7 -34.44 14.75 17.43
N SER C 8 -35.54 15.45 17.75
CA SER C 8 -36.84 14.78 17.83
C SER C 8 -37.97 15.79 17.68
N GLY C 9 -39.20 15.27 17.49
CA GLY C 9 -40.40 16.07 17.48
C GLY C 9 -41.58 15.27 16.93
N LYS C 10 -42.77 15.90 16.88
CA LYS C 10 -43.91 15.28 16.22
C LYS C 10 -43.93 15.66 14.73
N THR C 11 -43.93 14.65 13.85
CA THR C 11 -44.05 14.86 12.41
C THR C 11 -42.99 15.83 11.90
N GLU C 12 -43.41 16.86 11.15
CA GLU C 12 -42.51 17.75 10.43
C GLU C 12 -41.65 18.57 11.40
N THR C 13 -41.97 18.53 12.70
CA THR C 13 -41.26 19.36 13.67
C THR C 13 -39.76 19.09 13.60
N ALA C 14 -39.39 17.86 13.26
CA ALA C 14 -37.99 17.51 13.04
C ALA C 14 -37.44 18.37 11.89
N LEU C 15 -38.01 18.21 10.69
CA LEU C 15 -37.53 18.92 9.51
C LEU C 15 -37.17 20.35 9.88
N ARG C 16 -37.98 20.94 10.76
CA ARG C 16 -37.76 22.32 11.19
C ARG C 16 -36.53 22.37 12.11
N GLU C 17 -36.58 21.64 13.23
CA GLU C 17 -35.49 21.71 14.20
C GLU C 17 -34.15 21.72 13.47
N GLN C 18 -34.04 20.83 12.48
CA GLN C 18 -32.82 20.65 11.71
C GLN C 18 -32.48 21.97 11.05
N ALA C 19 -33.49 22.61 10.45
CA ALA C 19 -33.30 23.88 9.76
C ALA C 19 -32.62 24.87 10.69
N ALA C 20 -33.19 25.08 11.88
CA ALA C 20 -32.68 26.06 12.82
C ALA C 20 -31.26 25.68 13.23
N GLU C 21 -31.01 24.37 13.36
CA GLU C 21 -29.66 23.91 13.78
C GLU C 21 -28.65 24.40 12.77
N LEU C 22 -28.85 24.04 11.50
CA LEU C 22 -27.92 24.43 10.43
C LEU C 22 -27.50 25.87 10.66
N LEU C 23 -28.44 26.71 11.07
CA LEU C 23 -28.14 28.14 11.28
C LEU C 23 -27.27 28.27 12.53
N SER C 24 -27.71 27.70 13.65
CA SER C 24 -26.93 27.85 14.91
C SER C 24 -25.54 27.26 14.74
N VAL C 25 -25.43 26.11 14.07
CA VAL C 25 -24.12 25.42 13.95
C VAL C 25 -23.17 26.22 13.05
N VAL C 26 -23.66 27.29 12.43
CA VAL C 26 -22.81 28.09 11.50
C VAL C 26 -22.77 29.54 11.96
N THR C 27 -23.70 29.95 12.83
CA THR C 27 -23.77 31.38 13.22
C THR C 27 -22.97 31.62 14.51
N GLU C 28 -21.98 30.77 14.82
CA GLU C 28 -21.27 30.99 16.12
C GLU C 28 -20.06 31.93 15.93
N HIS C 29 -19.16 31.93 16.91
CA HIS C 29 -17.99 32.84 16.84
C HIS C 29 -16.71 32.02 17.08
N PRO C 30 -16.20 31.27 16.07
CA PRO C 30 -16.75 31.30 14.71
C PRO C 30 -17.85 30.25 14.49
N GLU C 31 -17.86 29.18 15.26
CA GLU C 31 -18.87 28.09 15.13
C GLU C 31 -18.99 27.42 16.49
N PRO C 32 -20.13 26.78 16.85
CA PRO C 32 -20.33 26.25 18.20
C PRO C 32 -19.44 25.04 18.51
N GLY C 33 -19.29 24.69 19.79
CA GLY C 33 -18.52 23.49 20.10
C GLY C 33 -19.25 22.26 19.60
N LEU C 34 -18.56 21.37 18.87
CA LEU C 34 -19.28 20.23 18.25
C LEU C 34 -19.95 19.39 19.33
N GLY C 35 -19.18 18.90 20.31
CA GLY C 35 -19.75 18.02 21.33
C GLY C 35 -20.76 18.75 22.17
N ASP C 36 -20.45 20.00 22.54
CA ASP C 36 -21.38 20.75 23.42
C ASP C 36 -22.77 20.68 22.80
N VAL C 37 -22.86 20.91 21.49
CA VAL C 37 -24.19 20.88 20.82
C VAL C 37 -24.85 19.55 21.11
N GLY C 38 -24.17 18.45 20.80
CA GLY C 38 -24.76 17.13 20.99
C GLY C 38 -25.31 16.97 22.40
N TYR C 39 -24.46 17.32 23.37
CA TYR C 39 -24.79 17.28 24.78
C TYR C 39 -26.07 18.08 25.04
N SER C 40 -26.13 19.31 24.53
CA SER C 40 -27.27 20.19 24.72
C SER C 40 -28.55 19.56 24.17
N LEU C 41 -28.48 19.09 22.92
CA LEU C 41 -29.63 18.50 22.26
C LEU C 41 -30.16 17.34 23.07
N ALA C 42 -29.28 16.73 23.89
CA ALA C 42 -29.62 15.60 24.75
C ALA C 42 -30.10 16.07 26.12
N THR C 43 -29.27 16.87 26.81
CA THR C 43 -29.53 17.37 28.15
C THR C 43 -30.91 18.01 28.26
N GLY C 44 -31.19 18.98 27.38
CA GLY C 44 -32.49 19.64 27.33
C GLY C 44 -33.36 19.13 26.18
N ARG C 45 -34.31 19.95 25.76
CA ARG C 45 -35.07 19.73 24.53
C ARG C 45 -35.88 18.44 24.60
N ALA C 46 -36.07 17.91 25.82
CA ALA C 46 -37.01 16.82 26.03
C ALA C 46 -36.67 15.67 25.10
N ALA C 47 -37.72 15.02 24.56
CA ALA C 47 -37.62 13.98 23.55
C ALA C 47 -39.02 13.70 23.05
N MET C 48 -39.14 13.15 21.83
CA MET C 48 -40.45 13.03 21.22
C MET C 48 -40.51 11.76 20.39
N GLU C 49 -41.60 11.60 19.64
CA GLU C 49 -41.90 10.37 18.94
C GLU C 49 -41.02 10.29 17.70
N HIS C 50 -41.20 11.22 16.77
CA HIS C 50 -40.37 11.28 15.56
C HIS C 50 -38.96 11.74 15.93
N ARG C 51 -37.97 10.88 15.70
CA ARG C 51 -36.62 11.10 16.19
C ARG C 51 -35.60 10.84 15.09
N ALA C 52 -34.41 11.42 15.26
CA ALA C 52 -33.25 11.08 14.44
C ALA C 52 -31.95 11.51 15.13
N VAL C 53 -30.86 10.85 14.75
CA VAL C 53 -29.58 11.07 15.37
C VAL C 53 -28.53 11.15 14.27
N VAL C 54 -27.80 12.27 14.24
CA VAL C 54 -26.75 12.50 13.26
C VAL C 54 -25.44 12.04 13.86
N VAL C 55 -24.93 10.88 13.40
CA VAL C 55 -23.63 10.41 13.84
C VAL C 55 -22.54 10.92 12.89
N ALA C 56 -21.68 11.83 13.38
CA ALA C 56 -20.73 12.52 12.52
C ALA C 56 -19.49 12.93 13.32
N ASP C 57 -18.42 13.37 12.62
CA ASP C 57 -17.15 13.68 13.25
C ASP C 57 -16.65 15.09 12.91
N ASP C 58 -17.12 15.69 11.81
CA ASP C 58 -16.70 17.04 11.42
C ASP C 58 -17.94 17.86 11.05
N ARG C 59 -17.82 19.19 11.12
CA ARG C 59 -18.95 20.06 10.85
C ARG C 59 -19.47 19.80 9.43
N ASP C 60 -18.54 19.45 8.52
CA ASP C 60 -18.88 19.04 7.17
C ASP C 60 -19.94 17.95 7.23
N SER C 61 -19.60 16.86 7.92
CA SER C 61 -20.44 15.67 7.97
C SER C 61 -21.80 15.96 8.63
N PHE C 62 -21.80 16.75 9.71
CA PHE C 62 -23.03 17.02 10.45
C PHE C 62 -24.02 17.75 9.55
N VAL C 63 -23.52 18.83 8.95
CA VAL C 63 -24.34 19.67 8.10
C VAL C 63 -25.00 18.85 6.99
N ALA C 64 -24.22 17.92 6.41
CA ALA C 64 -24.74 16.95 5.45
C ALA C 64 -26.02 16.31 5.98
N GLY C 65 -25.90 15.69 7.17
CA GLY C 65 -26.99 14.97 7.80
C GLY C 65 -28.16 15.89 8.13
N LEU C 66 -27.86 17.01 8.81
CA LEU C 66 -28.86 18.02 9.12
C LEU C 66 -29.60 18.42 7.84
N THR C 67 -28.83 18.78 6.81
CA THR C 67 -29.39 19.18 5.54
C THR C 67 -30.39 18.14 5.06
N ALA C 68 -29.98 16.87 5.12
CA ALA C 68 -30.80 15.79 4.61
C ALA C 68 -32.09 15.70 5.43
N LEU C 69 -31.96 15.79 6.76
CA LEU C 69 -33.12 15.70 7.63
C LEU C 69 -34.10 16.82 7.32
N ALA C 70 -33.56 18.05 7.18
CA ALA C 70 -34.37 19.24 6.92
C ALA C 70 -35.14 19.07 5.61
N ALA C 71 -34.47 18.61 4.56
CA ALA C 71 -35.10 18.43 3.26
C ALA C 71 -36.15 17.30 3.30
N GLY C 72 -36.01 16.42 4.31
CA GLY C 72 -36.87 15.25 4.45
C GLY C 72 -36.41 14.08 3.56
N VAL C 73 -35.10 13.96 3.37
CA VAL C 73 -34.51 12.86 2.61
C VAL C 73 -33.69 11.99 3.57
N PRO C 74 -33.50 10.69 3.26
CA PRO C 74 -32.54 9.83 3.97
C PRO C 74 -31.08 10.18 3.68
N ALA C 75 -30.22 9.92 4.68
CA ALA C 75 -28.79 10.18 4.61
C ALA C 75 -28.03 9.04 5.30
N ALA C 76 -26.76 8.87 4.88
CA ALA C 76 -25.91 7.80 5.35
C ALA C 76 -25.64 7.96 6.85
N ASN C 77 -25.35 9.20 7.26
CA ASN C 77 -24.89 9.52 8.61
C ASN C 77 -26.07 9.84 9.54
N VAL C 78 -27.31 9.75 9.05
CA VAL C 78 -28.48 10.03 9.87
C VAL C 78 -29.30 8.76 10.09
N VAL C 79 -29.56 8.47 11.37
CA VAL C 79 -30.46 7.39 11.77
C VAL C 79 -31.79 8.01 12.20
N GLN C 80 -32.89 7.66 11.51
CA GLN C 80 -34.22 8.12 11.86
C GLN C 80 -35.03 6.96 12.45
N GLY C 81 -36.09 7.28 13.20
CA GLY C 81 -36.97 6.25 13.72
C GLY C 81 -38.12 6.87 14.50
N ALA C 82 -39.15 6.04 14.77
CA ALA C 82 -40.46 6.54 15.13
C ALA C 82 -40.71 6.50 16.64
N ALA C 83 -39.90 5.71 17.37
CA ALA C 83 -39.99 5.61 18.83
C ALA C 83 -41.38 5.10 19.25
N ASP C 84 -41.87 4.09 18.52
CA ASP C 84 -43.20 3.55 18.73
C ASP C 84 -43.09 2.07 19.09
N CYS C 85 -41.89 1.63 19.47
CA CYS C 85 -41.61 0.22 19.74
C CYS C 85 -41.48 -0.03 21.24
N LYS C 86 -42.41 -0.81 21.79
CA LYS C 86 -42.44 -1.12 23.22
C LYS C 86 -42.20 -2.62 23.40
N GLY C 87 -41.24 -2.99 24.27
CA GLY C 87 -40.78 -4.38 24.30
C GLY C 87 -39.69 -4.61 25.34
N LYS C 88 -39.31 -5.89 25.52
CA LYS C 88 -38.28 -6.28 26.46
C LYS C 88 -36.95 -6.29 25.73
N VAL C 89 -35.84 -6.09 26.47
CA VAL C 89 -34.51 -6.01 25.86
C VAL C 89 -33.76 -7.32 26.08
N ALA C 90 -33.14 -7.86 25.04
CA ALA C 90 -32.25 -9.01 25.17
C ALA C 90 -30.89 -8.70 24.53
N PHE C 91 -29.82 -9.26 25.09
CA PHE C 91 -28.50 -9.26 24.45
C PHE C 91 -28.24 -10.60 23.78
N VAL C 92 -27.90 -10.56 22.48
CA VAL C 92 -27.53 -11.75 21.73
C VAL C 92 -26.01 -11.86 21.63
N PHE C 93 -25.50 -13.06 21.95
CA PHE C 93 -24.07 -13.36 21.98
C PHE C 93 -23.80 -14.51 21.01
N PRO C 94 -23.43 -14.22 19.74
CA PRO C 94 -23.18 -15.28 18.76
C PRO C 94 -21.87 -16.03 19.00
N GLY C 95 -21.49 -16.89 18.05
CA GLY C 95 -20.28 -17.70 18.15
C GLY C 95 -19.08 -17.04 17.47
N GLN C 96 -18.15 -17.88 16.97
CA GLN C 96 -17.00 -17.42 16.21
C GLN C 96 -17.42 -16.93 14.82
N GLY C 97 -16.48 -16.23 14.16
CA GLY C 97 -16.74 -15.65 12.85
C GLY C 97 -16.93 -14.14 12.91
N SER C 98 -17.18 -13.61 14.11
CA SER C 98 -17.20 -12.18 14.34
C SER C 98 -15.78 -11.61 14.33
N HIS C 99 -14.77 -12.46 14.51
CA HIS C 99 -13.45 -11.98 14.89
C HIS C 99 -12.74 -11.32 13.71
N TRP C 100 -12.03 -10.22 13.99
CA TRP C 100 -11.13 -9.59 13.05
C TRP C 100 -9.98 -8.92 13.80
N GLN C 101 -8.90 -8.63 13.06
CA GLN C 101 -7.73 -7.96 13.62
C GLN C 101 -8.12 -6.65 14.29
N GLY C 102 -7.57 -6.38 15.48
CA GLY C 102 -7.88 -5.20 16.27
C GLY C 102 -9.37 -4.83 16.31
N MET C 103 -10.26 -5.79 16.60
CA MET C 103 -11.67 -5.50 16.85
C MET C 103 -11.79 -4.39 17.90
N ALA C 104 -10.89 -4.41 18.90
CA ALA C 104 -11.03 -3.63 20.11
C ALA C 104 -10.24 -2.32 20.05
N ARG C 105 -9.50 -2.10 18.95
CA ARG C 105 -8.47 -1.06 18.91
C ARG C 105 -9.10 0.32 19.05
N GLU C 106 -10.14 0.62 18.25
CA GLU C 106 -10.67 1.98 18.23
C GLU C 106 -11.39 2.25 19.55
N LEU C 107 -12.38 1.38 19.86
CA LEU C 107 -13.34 1.63 20.93
C LEU C 107 -12.60 1.70 22.27
N SER C 108 -11.44 1.03 22.37
CA SER C 108 -10.63 1.07 23.58
C SER C 108 -10.17 2.50 23.86
N GLU C 109 -9.82 3.24 22.80
CA GLU C 109 -9.41 4.63 22.94
C GLU C 109 -10.58 5.47 23.45
N SER C 110 -11.74 5.33 22.81
CA SER C 110 -12.88 6.20 23.04
C SER C 110 -13.52 5.94 24.40
N SER C 111 -13.64 4.65 24.79
CA SER C 111 -14.44 4.27 25.95
C SER C 111 -13.56 3.73 27.06
N PRO C 112 -13.61 4.31 28.29
CA PRO C 112 -12.94 3.73 29.45
C PRO C 112 -13.62 2.43 29.90
N VAL C 113 -14.96 2.37 29.84
CA VAL C 113 -15.69 1.18 30.27
C VAL C 113 -15.19 -0.04 29.51
N PHE C 114 -15.15 0.08 28.16
CA PHE C 114 -14.78 -1.01 27.29
C PHE C 114 -13.38 -1.48 27.68
N ARG C 115 -12.43 -0.54 27.75
CA ARG C 115 -11.03 -0.91 27.94
C ARG C 115 -10.89 -1.60 29.30
N ARG C 116 -11.69 -1.20 30.28
CA ARG C 116 -11.55 -1.73 31.62
C ARG C 116 -12.05 -3.17 31.70
N LYS C 117 -13.23 -3.48 31.14
CA LYS C 117 -13.70 -4.86 31.14
C LYS C 117 -12.70 -5.73 30.36
N LEU C 118 -12.14 -5.18 29.28
CA LEU C 118 -11.18 -5.90 28.47
C LEU C 118 -9.97 -6.26 29.33
N ALA C 119 -9.55 -5.33 30.20
CA ALA C 119 -8.38 -5.54 31.02
C ALA C 119 -8.66 -6.61 32.07
N GLU C 120 -9.84 -6.54 32.70
CA GLU C 120 -10.23 -7.57 33.66
C GLU C 120 -10.16 -8.93 32.99
N CYS C 121 -10.80 -9.04 31.82
CA CYS C 121 -10.83 -10.29 31.07
C CYS C 121 -9.41 -10.80 30.83
N ALA C 122 -8.50 -9.85 30.51
CA ALA C 122 -7.13 -10.17 30.16
C ALA C 122 -6.40 -10.77 31.36
N ALA C 123 -6.42 -10.06 32.50
CA ALA C 123 -5.95 -10.57 33.77
C ALA C 123 -6.44 -12.01 34.01
N ALA C 124 -7.74 -12.24 33.84
CA ALA C 124 -8.34 -13.56 34.06
C ALA C 124 -7.57 -14.66 33.31
N THR C 125 -7.02 -14.32 32.14
CA THR C 125 -6.45 -15.31 31.23
C THR C 125 -5.00 -15.63 31.58
N ALA C 126 -4.40 -14.79 32.44
CA ALA C 126 -2.98 -14.86 32.76
C ALA C 126 -2.59 -16.27 33.18
N PRO C 127 -3.35 -16.91 34.08
CA PRO C 127 -3.09 -18.30 34.48
C PRO C 127 -3.11 -19.37 33.40
N TYR C 128 -3.59 -19.03 32.19
CA TYR C 128 -3.89 -20.06 31.21
C TYR C 128 -3.12 -19.86 29.90
N VAL C 129 -2.56 -18.67 29.64
CA VAL C 129 -2.03 -18.37 28.32
C VAL C 129 -0.66 -17.73 28.43
N ASP C 130 0.22 -18.05 27.47
CA ASP C 130 1.56 -17.46 27.39
C ASP C 130 1.58 -16.39 26.30
N TRP C 131 0.45 -15.72 26.06
CA TRP C 131 0.38 -14.59 25.16
C TRP C 131 -0.48 -13.48 25.75
N SER C 132 -0.50 -12.32 25.09
CA SER C 132 -1.14 -11.13 25.61
C SER C 132 -2.50 -10.91 24.94
N LEU C 133 -3.59 -11.18 25.67
CA LEU C 133 -4.92 -10.97 25.14
C LEU C 133 -5.09 -9.53 24.66
N LEU C 134 -4.59 -8.55 25.43
CA LEU C 134 -4.74 -7.15 25.05
C LEU C 134 -4.03 -6.90 23.72
N GLY C 135 -2.84 -7.50 23.56
CA GLY C 135 -2.11 -7.46 22.31
C GLY C 135 -2.94 -7.96 21.14
N VAL C 136 -3.52 -9.15 21.25
CA VAL C 136 -4.39 -9.69 20.22
C VAL C 136 -5.54 -8.71 19.97
N LEU C 137 -6.20 -8.27 21.05
CA LEU C 137 -7.36 -7.41 20.91
C LEU C 137 -6.99 -6.10 20.23
N ARG C 138 -5.70 -5.79 20.12
CA ARG C 138 -5.29 -4.52 19.53
C ARG C 138 -4.63 -4.75 18.16
N GLY C 139 -4.13 -5.97 17.91
CA GLY C 139 -3.32 -6.24 16.73
C GLY C 139 -1.84 -5.92 16.92
N ASP C 140 -1.44 -5.64 18.15
CA ASP C 140 -0.02 -5.58 18.51
C ASP C 140 0.71 -6.67 17.75
N PRO C 141 1.68 -6.31 16.88
CA PRO C 141 2.43 -7.29 16.08
C PRO C 141 3.03 -8.44 16.87
N ASP C 142 3.47 -8.17 18.11
CA ASP C 142 4.09 -9.20 18.95
C ASP C 142 3.06 -10.25 19.31
N ALA C 143 1.78 -9.84 19.31
CA ALA C 143 0.69 -10.69 19.76
C ALA C 143 0.39 -11.77 18.71
N PRO C 144 -0.15 -12.93 19.14
CA PRO C 144 -0.57 -13.98 18.23
C PRO C 144 -1.57 -13.46 17.19
N ALA C 145 -1.80 -14.30 16.17
CA ALA C 145 -2.83 -14.08 15.17
C ALA C 145 -4.18 -14.59 15.68
N LEU C 146 -5.18 -14.64 14.79
CA LEU C 146 -6.47 -15.20 15.15
C LEU C 146 -6.71 -16.53 14.45
N ASP C 147 -5.85 -17.51 14.71
CA ASP C 147 -6.01 -18.86 14.11
C ASP C 147 -6.22 -19.89 15.22
N ARG C 148 -5.46 -19.80 16.30
CA ARG C 148 -5.58 -20.81 17.38
C ARG C 148 -6.90 -20.58 18.12
N ASP C 149 -7.72 -21.61 18.20
CA ASP C 149 -9.06 -21.47 18.83
C ASP C 149 -8.94 -20.68 20.13
N ASP C 150 -8.05 -21.10 21.03
CA ASP C 150 -7.95 -20.41 22.34
C ASP C 150 -7.93 -18.90 22.10
N VAL C 151 -7.08 -18.43 21.20
CA VAL C 151 -6.95 -17.00 20.93
C VAL C 151 -8.30 -16.42 20.49
N ILE C 152 -8.95 -17.11 19.54
CA ILE C 152 -10.21 -16.65 19.01
C ILE C 152 -11.23 -16.55 20.13
N GLN C 153 -11.43 -17.67 20.85
CA GLN C 153 -12.56 -17.82 21.76
C GLN C 153 -12.38 -16.89 22.96
N LEU C 154 -11.14 -16.71 23.40
CA LEU C 154 -10.83 -15.84 24.54
C LEU C 154 -11.02 -14.37 24.14
N ALA C 155 -10.57 -14.01 22.92
CA ALA C 155 -10.68 -12.66 22.41
C ALA C 155 -12.14 -12.29 22.16
N LEU C 156 -12.89 -13.18 21.51
CA LEU C 156 -14.31 -12.95 21.28
C LEU C 156 -15.05 -12.80 22.60
N PHE C 157 -14.77 -13.68 23.56
CA PHE C 157 -15.38 -13.60 24.88
C PHE C 157 -15.17 -12.19 25.42
N ALA C 158 -13.91 -11.76 25.48
CA ALA C 158 -13.56 -10.44 25.99
C ALA C 158 -14.37 -9.38 25.27
N MET C 159 -14.37 -9.42 23.93
CA MET C 159 -15.10 -8.47 23.11
C MET C 159 -16.58 -8.42 23.50
N MET C 160 -17.24 -9.57 23.48
CA MET C 160 -18.69 -9.62 23.65
C MET C 160 -19.07 -9.11 25.04
N VAL C 161 -18.36 -9.60 26.05
CA VAL C 161 -18.58 -9.17 27.43
C VAL C 161 -18.38 -7.64 27.55
N SER C 162 -17.34 -7.11 26.88
CA SER C 162 -17.01 -5.70 26.97
C SER C 162 -17.99 -4.83 26.18
N LEU C 163 -18.41 -5.29 25.00
CA LEU C 163 -19.44 -4.57 24.26
C LEU C 163 -20.73 -4.54 25.07
N ALA C 164 -21.04 -5.65 25.75
CA ALA C 164 -22.22 -5.73 26.61
C ALA C 164 -22.14 -4.68 27.71
N GLU C 165 -20.98 -4.54 28.35
CA GLU C 165 -20.83 -3.63 29.48
C GLU C 165 -21.05 -2.19 29.02
N LEU C 166 -20.50 -1.85 27.85
CA LEU C 166 -20.68 -0.54 27.24
C LEU C 166 -22.17 -0.24 27.02
N TRP C 167 -22.87 -1.13 26.32
CA TRP C 167 -24.30 -0.97 26.11
C TRP C 167 -24.99 -0.66 27.43
N ARG C 168 -24.65 -1.41 28.48
CA ARG C 168 -25.29 -1.25 29.78
C ARG C 168 -24.95 0.11 30.38
N SER C 169 -23.65 0.43 30.46
CA SER C 169 -23.20 1.70 31.00
C SER C 169 -23.94 2.86 30.33
N CYS C 170 -24.35 2.68 29.07
CA CYS C 170 -25.05 3.72 28.33
C CYS C 170 -26.57 3.58 28.44
N GLY C 171 -27.02 2.73 29.37
CA GLY C 171 -28.40 2.75 29.80
C GLY C 171 -29.21 1.58 29.22
N VAL C 172 -28.64 0.85 28.26
CA VAL C 172 -29.33 -0.29 27.67
C VAL C 172 -29.11 -1.53 28.54
N GLU C 173 -30.10 -1.83 29.38
CA GLU C 173 -30.01 -2.89 30.37
C GLU C 173 -30.75 -4.13 29.87
N PRO C 174 -30.05 -5.27 29.70
CA PRO C 174 -30.67 -6.50 29.21
C PRO C 174 -31.64 -7.09 30.23
N ALA C 175 -32.86 -7.39 29.77
CA ALA C 175 -33.85 -8.10 30.57
C ALA C 175 -33.80 -9.60 30.27
N ALA C 176 -32.78 -10.04 29.52
CA ALA C 176 -32.52 -11.44 29.21
C ALA C 176 -31.29 -11.52 28.30
N VAL C 177 -30.65 -12.69 28.24
CA VAL C 177 -29.52 -12.90 27.34
C VAL C 177 -29.77 -14.21 26.60
N VAL C 178 -29.43 -14.24 25.31
CA VAL C 178 -29.45 -15.46 24.52
C VAL C 178 -28.10 -15.59 23.84
N GLY C 179 -27.50 -16.78 23.94
CA GLY C 179 -26.17 -17.02 23.43
C GLY C 179 -26.19 -18.18 22.44
N HIS C 180 -25.22 -18.20 21.53
CA HIS C 180 -25.12 -19.21 20.49
C HIS C 180 -23.72 -19.83 20.58
N SER C 181 -23.65 -21.15 20.80
CA SER C 181 -22.39 -21.86 20.92
C SER C 181 -21.57 -21.24 22.05
N GLN C 182 -20.31 -20.86 21.78
CA GLN C 182 -19.41 -20.31 22.79
C GLN C 182 -19.95 -18.99 23.37
N GLY C 183 -20.95 -18.41 22.71
CA GLY C 183 -21.52 -17.15 23.16
C GLY C 183 -22.25 -17.32 24.49
N GLU C 184 -22.78 -18.52 24.71
CA GLU C 184 -23.50 -18.85 25.94
C GLU C 184 -22.61 -18.56 27.15
N ILE C 185 -21.31 -18.80 27.00
CA ILE C 185 -20.33 -18.56 28.06
C ILE C 185 -20.30 -17.07 28.41
N ALA C 186 -20.19 -16.24 27.37
CA ALA C 186 -20.22 -14.79 27.53
C ALA C 186 -21.60 -14.34 28.06
N ALA C 187 -22.68 -14.91 27.50
CA ALA C 187 -24.02 -14.59 27.98
C ALA C 187 -24.11 -14.81 29.50
N ALA C 188 -23.68 -15.99 29.95
CA ALA C 188 -23.65 -16.36 31.36
C ALA C 188 -22.91 -15.31 32.18
N HIS C 189 -21.63 -15.09 31.87
CA HIS C 189 -20.84 -14.10 32.60
C HIS C 189 -21.63 -12.79 32.78
N VAL C 190 -22.40 -12.41 31.75
CA VAL C 190 -23.05 -11.11 31.72
C VAL C 190 -24.31 -11.13 32.60
N ALA C 191 -24.98 -12.30 32.65
CA ALA C 191 -26.20 -12.47 33.43
C ALA C 191 -25.88 -12.58 34.92
N GLY C 192 -24.61 -12.90 35.26
CA GLY C 192 -24.21 -13.11 36.64
C GLY C 192 -24.08 -14.60 37.00
N ALA C 193 -24.46 -15.49 36.08
CA ALA C 193 -24.34 -16.92 36.28
C ALA C 193 -22.89 -17.33 36.46
N LEU C 194 -22.00 -16.96 35.51
CA LEU C 194 -20.61 -17.39 35.57
C LEU C 194 -19.73 -16.26 36.11
N SER C 195 -18.52 -16.63 36.54
CA SER C 195 -17.49 -15.66 36.90
C SER C 195 -16.52 -15.50 35.74
N LEU C 196 -15.88 -14.34 35.66
CA LEU C 196 -14.90 -14.12 34.61
C LEU C 196 -13.96 -15.31 34.56
N THR C 197 -13.42 -15.70 35.72
CA THR C 197 -12.36 -16.70 35.77
C THR C 197 -12.93 -18.06 35.33
N ASP C 198 -14.16 -18.37 35.77
CA ASP C 198 -14.77 -19.66 35.50
C ASP C 198 -15.09 -19.78 34.01
N ALA C 199 -15.63 -18.70 33.42
CA ALA C 199 -15.87 -18.58 31.98
C ALA C 199 -14.59 -18.79 31.17
N VAL C 200 -13.51 -18.08 31.52
CA VAL C 200 -12.22 -18.23 30.86
C VAL C 200 -11.74 -19.69 30.94
N ARG C 201 -11.84 -20.30 32.15
CA ARG C 201 -11.48 -21.70 32.40
C ARG C 201 -12.27 -22.62 31.47
N ILE C 202 -13.59 -22.38 31.36
CA ILE C 202 -14.48 -23.14 30.50
C ILE C 202 -14.00 -23.04 29.05
N ILE C 203 -13.50 -21.86 28.66
CA ILE C 203 -13.08 -21.63 27.28
C ILE C 203 -11.76 -22.37 26.99
N ALA C 204 -10.87 -22.38 27.99
CA ALA C 204 -9.56 -23.01 27.84
C ALA C 204 -9.71 -24.54 27.83
N ALA C 205 -10.66 -25.04 28.63
CA ALA C 205 -11.00 -26.46 28.67
C ALA C 205 -11.52 -26.92 27.31
N ARG C 206 -12.50 -26.17 26.79
CA ARG C 206 -13.18 -26.49 25.54
C ARG C 206 -12.13 -26.55 24.43
N CYS C 207 -11.19 -25.60 24.49
CA CYS C 207 -10.17 -25.47 23.46
C CYS C 207 -9.16 -26.62 23.55
N ASP C 208 -8.81 -27.08 24.76
CA ASP C 208 -7.97 -28.27 24.90
C ASP C 208 -8.65 -29.47 24.24
N ALA C 209 -9.89 -29.75 24.70
CA ALA C 209 -10.64 -30.91 24.28
C ALA C 209 -10.61 -31.04 22.76
N VAL C 210 -10.99 -29.95 22.07
CA VAL C 210 -11.24 -29.96 20.63
C VAL C 210 -9.93 -29.97 19.84
N SER C 211 -8.79 -29.77 20.51
CA SER C 211 -7.50 -29.64 19.84
C SER C 211 -7.20 -30.88 19.00
N ALA C 212 -7.71 -32.04 19.46
CA ALA C 212 -7.63 -33.31 18.74
C ALA C 212 -8.38 -33.25 17.42
N LEU C 213 -9.60 -32.69 17.45
CA LEU C 213 -10.50 -32.69 16.31
C LEU C 213 -10.10 -31.65 15.27
N THR C 214 -9.04 -30.88 15.59
CA THR C 214 -8.63 -29.75 14.76
C THR C 214 -8.28 -30.25 13.37
N GLY C 215 -8.81 -29.58 12.33
CA GLY C 215 -8.44 -29.87 10.96
C GLY C 215 -9.20 -31.07 10.39
N LYS C 216 -9.89 -31.82 11.25
CA LYS C 216 -10.59 -33.04 10.85
C LYS C 216 -12.09 -32.76 10.68
N GLY C 217 -12.48 -31.49 10.74
CA GLY C 217 -13.87 -31.11 10.57
C GLY C 217 -14.04 -29.65 10.17
N GLY C 218 -15.29 -29.21 10.04
CA GLY C 218 -15.62 -27.81 9.88
C GLY C 218 -17.13 -27.58 9.83
N MET C 219 -17.54 -26.33 9.59
CA MET C 219 -18.95 -25.97 9.56
C MET C 219 -19.21 -25.07 8.35
N LEU C 220 -20.44 -25.14 7.83
CA LEU C 220 -20.87 -24.40 6.65
C LEU C 220 -22.28 -23.83 6.87
N ALA C 221 -22.40 -22.51 6.69
CA ALA C 221 -23.66 -21.80 6.75
C ALA C 221 -24.39 -21.93 5.43
N ILE C 222 -25.73 -22.05 5.47
CA ILE C 222 -26.54 -22.24 4.29
C ILE C 222 -27.79 -21.36 4.44
N ALA C 223 -28.21 -20.74 3.33
CA ALA C 223 -29.40 -19.90 3.33
C ALA C 223 -30.65 -20.73 3.01
N LEU C 224 -30.78 -21.91 3.63
CA LEU C 224 -31.89 -22.82 3.36
C LEU C 224 -32.61 -23.17 4.67
N PRO C 225 -33.96 -23.28 4.69
CA PRO C 225 -34.68 -23.78 5.86
C PRO C 225 -34.20 -25.18 6.24
N GLU C 226 -34.24 -25.50 7.53
CA GLU C 226 -33.81 -26.80 8.00
C GLU C 226 -34.29 -27.89 7.04
N SER C 227 -35.62 -27.94 6.81
CA SER C 227 -36.23 -29.01 6.03
C SER C 227 -35.38 -29.33 4.81
N ALA C 228 -35.11 -28.31 3.98
CA ALA C 228 -34.30 -28.46 2.78
C ALA C 228 -32.97 -29.12 3.10
N VAL C 229 -32.25 -28.56 4.09
CA VAL C 229 -30.90 -28.99 4.42
C VAL C 229 -30.94 -30.45 4.86
N VAL C 230 -31.92 -30.77 5.72
CA VAL C 230 -32.17 -32.12 6.22
C VAL C 230 -32.06 -33.09 5.05
N LYS C 231 -32.71 -32.72 3.94
CA LYS C 231 -32.86 -33.58 2.78
C LYS C 231 -31.54 -33.63 2.01
N ARG C 232 -30.98 -32.46 1.70
CA ARG C 232 -29.79 -32.38 0.86
C ARG C 232 -28.58 -33.03 1.53
N ILE C 233 -28.69 -33.31 2.83
CA ILE C 233 -27.62 -34.00 3.56
C ILE C 233 -28.08 -35.40 4.00
N ALA C 234 -29.34 -35.76 3.70
CA ALA C 234 -29.97 -36.95 4.26
C ALA C 234 -29.08 -38.18 4.12
N GLY C 235 -28.49 -38.36 2.93
CA GLY C 235 -27.74 -39.56 2.62
C GLY C 235 -26.25 -39.41 2.93
N LEU C 236 -25.89 -38.25 3.50
CA LEU C 236 -24.49 -37.93 3.77
C LEU C 236 -24.29 -37.92 5.29
N PRO C 237 -23.91 -39.08 5.88
CA PRO C 237 -23.95 -39.27 7.32
C PRO C 237 -22.76 -38.64 8.04
N GLU C 238 -21.78 -38.13 7.29
CA GLU C 238 -20.61 -37.48 7.87
C GLU C 238 -20.85 -35.97 7.98
N LEU C 239 -22.12 -35.55 7.78
CA LEU C 239 -22.56 -34.18 7.96
C LEU C 239 -23.82 -34.16 8.81
N THR C 240 -24.02 -33.06 9.58
CA THR C 240 -25.04 -32.92 10.60
C THR C 240 -25.51 -31.46 10.67
N VAL C 241 -26.82 -31.25 10.88
CA VAL C 241 -27.33 -29.94 11.28
C VAL C 241 -26.75 -29.57 12.63
N ALA C 242 -26.09 -28.40 12.68
CA ALA C 242 -25.44 -27.91 13.89
C ALA C 242 -26.20 -26.72 14.47
N ALA C 243 -26.97 -26.00 13.64
CA ALA C 243 -27.70 -24.83 14.10
C ALA C 243 -28.85 -24.49 13.15
N VAL C 244 -29.94 -23.96 13.74
CA VAL C 244 -31.06 -23.37 13.01
C VAL C 244 -31.16 -21.89 13.37
N ASN C 245 -30.41 -21.05 12.66
CA ASN C 245 -30.23 -19.65 13.01
C ASN C 245 -31.46 -18.81 12.60
N GLY C 246 -32.32 -19.38 11.75
CA GLY C 246 -33.54 -18.71 11.38
C GLY C 246 -34.42 -19.55 10.44
N PRO C 247 -35.61 -19.05 10.06
CA PRO C 247 -36.54 -19.80 9.22
C PRO C 247 -35.98 -20.06 7.83
N GLY C 248 -34.92 -19.33 7.46
CA GLY C 248 -34.22 -19.56 6.21
C GLY C 248 -32.69 -19.56 6.37
N SER C 249 -32.22 -19.93 7.56
CA SER C 249 -30.80 -19.95 7.90
C SER C 249 -30.47 -21.23 8.67
N THR C 250 -29.40 -21.94 8.28
CA THR C 250 -29.07 -23.26 8.80
C THR C 250 -27.57 -23.51 8.67
N VAL C 251 -26.97 -24.11 9.72
CA VAL C 251 -25.55 -24.46 9.71
C VAL C 251 -25.42 -25.98 9.76
N VAL C 252 -24.31 -26.49 9.19
CA VAL C 252 -24.06 -27.92 9.03
C VAL C 252 -22.63 -28.18 9.47
N SER C 253 -22.43 -29.14 10.39
CA SER C 253 -21.11 -29.51 10.86
C SER C 253 -20.78 -30.92 10.36
N GLY C 254 -19.51 -31.16 10.02
CA GLY C 254 -19.09 -32.48 9.54
C GLY C 254 -17.69 -32.45 8.96
N GLU C 255 -17.34 -33.49 8.19
CA GLU C 255 -15.98 -33.66 7.71
C GLU C 255 -15.73 -32.73 6.53
N PRO C 256 -14.47 -32.29 6.31
CA PRO C 256 -14.16 -31.29 5.28
C PRO C 256 -14.61 -31.69 3.88
N SER C 257 -14.08 -32.81 3.38
CA SER C 257 -14.37 -33.28 2.03
C SER C 257 -15.85 -33.12 1.70
N ALA C 258 -16.69 -33.65 2.59
CA ALA C 258 -18.14 -33.61 2.41
C ALA C 258 -18.63 -32.18 2.27
N LEU C 259 -18.29 -31.32 3.25
CA LEU C 259 -18.64 -29.90 3.24
C LEU C 259 -18.29 -29.27 1.90
N GLU C 260 -17.05 -29.47 1.45
CA GLU C 260 -16.55 -28.94 0.19
C GLU C 260 -17.50 -29.33 -0.93
N ARG C 261 -17.75 -30.63 -1.09
CA ARG C 261 -18.59 -31.12 -2.18
C ARG C 261 -20.00 -30.56 -2.06
N LEU C 262 -20.58 -30.54 -0.86
CA LEU C 262 -21.90 -29.96 -0.65
C LEU C 262 -21.89 -28.50 -1.10
N GLN C 263 -20.83 -27.75 -0.77
CA GLN C 263 -20.75 -26.34 -1.13
C GLN C 263 -20.73 -26.19 -2.65
N THR C 264 -19.88 -26.99 -3.31
CA THR C 264 -19.86 -27.14 -4.76
C THR C 264 -21.29 -27.33 -5.27
N GLU C 265 -21.95 -28.43 -4.86
CA GLU C 265 -23.32 -28.72 -5.26
C GLU C 265 -24.19 -27.48 -5.05
N LEU C 266 -24.17 -26.91 -3.84
CA LEU C 266 -25.07 -25.82 -3.45
C LEU C 266 -24.72 -24.53 -4.18
N THR C 267 -23.42 -24.28 -4.40
CA THR C 267 -22.99 -23.11 -5.14
C THR C 267 -23.45 -23.21 -6.59
N ALA C 268 -23.57 -24.45 -7.09
CA ALA C 268 -24.11 -24.73 -8.42
C ALA C 268 -25.62 -24.49 -8.46
N GLU C 269 -26.32 -24.76 -7.34
CA GLU C 269 -27.76 -24.55 -7.27
C GLU C 269 -28.07 -23.10 -6.88
N ASN C 270 -27.14 -22.18 -7.17
CA ASN C 270 -27.26 -20.77 -6.84
C ASN C 270 -27.75 -20.58 -5.41
N VAL C 271 -27.18 -21.36 -4.47
CA VAL C 271 -27.48 -21.18 -3.06
C VAL C 271 -26.30 -20.47 -2.39
N GLN C 272 -26.61 -19.34 -1.74
CA GLN C 272 -25.64 -18.58 -0.99
C GLN C 272 -25.27 -19.35 0.27
N THR C 273 -23.98 -19.70 0.36
CA THR C 273 -23.43 -20.42 1.51
C THR C 273 -22.25 -19.60 2.02
N ARG C 274 -21.87 -19.82 3.29
CA ARG C 274 -20.69 -19.19 3.87
C ARG C 274 -20.00 -20.19 4.80
N ARG C 275 -18.77 -20.58 4.47
CA ARG C 275 -17.94 -21.39 5.35
C ARG C 275 -17.73 -20.62 6.66
N VAL C 276 -17.71 -21.35 7.79
CA VAL C 276 -17.49 -20.75 9.10
C VAL C 276 -15.99 -20.73 9.39
N GLY C 277 -15.54 -19.70 10.11
CA GLY C 277 -14.17 -19.62 10.60
C GLY C 277 -13.97 -20.49 11.85
N ILE C 278 -14.01 -21.82 11.65
CA ILE C 278 -13.79 -22.80 12.70
C ILE C 278 -12.89 -23.90 12.12
N ASP C 279 -12.00 -24.49 12.93
CA ASP C 279 -11.09 -25.53 12.45
C ASP C 279 -11.54 -26.90 12.97
N TYR C 280 -12.78 -26.97 13.50
CA TYR C 280 -13.34 -28.22 14.01
C TYR C 280 -14.85 -28.26 13.78
N ALA C 281 -15.44 -29.44 14.00
CA ALA C 281 -16.87 -29.68 13.78
C ALA C 281 -17.65 -29.57 15.09
N SER C 282 -17.79 -28.34 15.61
CA SER C 282 -18.57 -28.08 16.81
C SER C 282 -20.01 -28.51 16.59
N HIS C 283 -20.74 -28.78 17.69
CA HIS C 283 -22.14 -29.20 17.66
C HIS C 283 -22.33 -30.38 16.72
N SER C 284 -21.41 -31.36 16.77
CA SER C 284 -21.41 -32.50 15.88
C SER C 284 -21.06 -33.78 16.63
N PRO C 285 -21.29 -34.96 16.02
CA PRO C 285 -20.88 -36.24 16.61
C PRO C 285 -19.41 -36.34 17.01
N GLN C 286 -18.55 -35.51 16.42
CA GLN C 286 -17.12 -35.57 16.74
C GLN C 286 -16.88 -35.13 18.19
N ILE C 287 -17.85 -34.39 18.78
CA ILE C 287 -17.69 -33.75 20.07
C ILE C 287 -17.95 -34.75 21.19
N ALA C 288 -18.18 -36.02 20.82
CA ALA C 288 -18.37 -37.09 21.79
C ALA C 288 -17.03 -37.73 22.13
N GLN C 289 -16.08 -37.65 21.19
CA GLN C 289 -14.77 -38.28 21.34
C GLN C 289 -13.89 -37.48 22.29
N VAL C 290 -14.42 -36.36 22.82
CA VAL C 290 -13.64 -35.45 23.64
C VAL C 290 -14.37 -35.15 24.96
N GLN C 291 -15.49 -35.84 25.21
CA GLN C 291 -16.25 -35.65 26.44
C GLN C 291 -15.36 -35.89 27.66
N GLY C 292 -14.50 -36.92 27.56
CA GLY C 292 -13.60 -37.29 28.64
C GLY C 292 -12.74 -36.13 29.12
N ARG C 293 -11.81 -35.68 28.26
CA ARG C 293 -10.83 -34.66 28.61
C ARG C 293 -11.55 -33.41 29.10
N LEU C 294 -12.58 -32.98 28.38
CA LEU C 294 -13.35 -31.79 28.78
C LEU C 294 -13.89 -31.98 30.19
N LEU C 295 -14.69 -33.03 30.39
CA LEU C 295 -15.33 -33.27 31.67
C LEU C 295 -14.28 -33.52 32.75
N ASP C 296 -13.05 -33.91 32.35
CA ASP C 296 -11.95 -34.10 33.28
C ASP C 296 -11.33 -32.75 33.66
N ARG C 297 -10.92 -31.96 32.66
CA ARG C 297 -10.25 -30.69 32.89
C ARG C 297 -11.20 -29.73 33.59
N LEU C 298 -12.44 -29.72 33.13
CA LEU C 298 -13.48 -28.92 33.75
C LEU C 298 -14.36 -29.85 34.60
N GLY C 299 -14.18 -29.80 35.92
CA GLY C 299 -14.86 -30.73 36.81
C GLY C 299 -16.12 -30.13 37.43
N GLU C 300 -15.92 -29.31 38.48
CA GLU C 300 -16.98 -28.60 39.17
C GLU C 300 -17.07 -27.18 38.59
N VAL C 301 -18.23 -26.87 37.98
CA VAL C 301 -18.51 -25.52 37.50
C VAL C 301 -19.64 -24.92 38.34
N GLY C 302 -19.29 -23.91 39.14
CA GLY C 302 -20.25 -23.20 39.98
C GLY C 302 -20.99 -22.11 39.22
N SER C 303 -22.05 -22.50 38.52
CA SER C 303 -23.07 -21.56 38.04
C SER C 303 -23.84 -21.02 39.23
N GLU C 304 -24.29 -19.76 39.15
CA GLU C 304 -24.94 -19.09 40.27
C GLU C 304 -26.27 -18.48 39.81
N PRO C 305 -27.25 -18.31 40.72
CA PRO C 305 -28.51 -17.65 40.38
C PRO C 305 -28.25 -16.31 39.70
N ALA C 306 -29.15 -15.96 38.76
CA ALA C 306 -29.05 -14.75 37.97
C ALA C 306 -30.35 -13.97 38.09
N GLU C 307 -30.27 -12.64 38.18
CA GLU C 307 -31.47 -11.82 38.11
C GLU C 307 -31.93 -11.71 36.66
N ILE C 308 -30.98 -11.51 35.72
CA ILE C 308 -31.30 -11.51 34.30
C ILE C 308 -31.60 -12.95 33.89
N ALA C 309 -32.51 -13.11 32.92
CA ALA C 309 -32.89 -14.42 32.45
C ALA C 309 -31.84 -14.94 31.48
N PHE C 310 -31.84 -16.28 31.30
CA PHE C 310 -30.89 -16.96 30.43
C PHE C 310 -31.63 -18.01 29.60
N TYR C 311 -31.97 -17.64 28.36
CA TYR C 311 -32.59 -18.57 27.42
C TYR C 311 -31.49 -19.42 26.78
N SER C 312 -31.56 -20.74 27.00
CA SER C 312 -30.51 -21.65 26.55
C SER C 312 -30.77 -22.08 25.11
N THR C 313 -29.80 -21.89 24.21
CA THR C 313 -29.92 -22.41 22.86
C THR C 313 -29.73 -23.93 22.85
N VAL C 314 -29.37 -24.51 24.00
CA VAL C 314 -29.39 -25.96 24.14
C VAL C 314 -30.83 -26.43 24.32
N THR C 315 -31.52 -25.91 25.34
CA THR C 315 -32.86 -26.35 25.71
C THR C 315 -33.89 -25.61 24.86
N GLY C 316 -33.71 -24.29 24.72
CA GLY C 316 -34.63 -23.42 24.00
C GLY C 316 -35.64 -22.74 24.92
N GLU C 317 -35.30 -22.65 26.22
CA GLU C 317 -36.21 -22.15 27.24
C GLU C 317 -35.42 -21.42 28.33
N ARG C 318 -36.08 -20.49 29.04
CA ARG C 318 -35.55 -19.90 30.27
C ARG C 318 -34.99 -21.03 31.14
N THR C 319 -33.68 -21.05 31.37
CA THR C 319 -33.09 -22.05 32.25
C THR C 319 -32.62 -21.37 33.52
N ASP C 320 -32.57 -22.17 34.58
CA ASP C 320 -32.11 -21.73 35.89
C ASP C 320 -30.59 -21.73 35.91
N THR C 321 -29.99 -20.53 35.81
CA THR C 321 -28.58 -20.39 36.10
C THR C 321 -28.29 -21.06 37.45
N GLY C 322 -27.12 -21.68 37.56
CA GLY C 322 -26.85 -22.54 38.69
C GLY C 322 -27.06 -24.01 38.35
N ARG C 323 -27.91 -24.27 37.35
CA ARG C 323 -27.99 -25.58 36.72
C ARG C 323 -27.00 -25.66 35.56
N LEU C 324 -26.14 -24.64 35.40
CA LEU C 324 -25.12 -24.64 34.35
C LEU C 324 -23.85 -25.32 34.87
N ASP C 325 -23.99 -26.61 35.24
CA ASP C 325 -22.87 -27.44 35.65
C ASP C 325 -21.98 -27.75 34.45
N ALA C 326 -20.82 -28.37 34.71
CA ALA C 326 -19.90 -28.80 33.67
C ALA C 326 -20.62 -29.58 32.57
N ASP C 327 -21.69 -30.30 32.94
CA ASP C 327 -22.48 -31.06 31.97
C ASP C 327 -23.08 -30.11 30.94
N TYR C 328 -23.71 -29.03 31.40
CA TYR C 328 -24.29 -28.04 30.50
C TYR C 328 -23.24 -27.59 29.48
N TRP C 329 -21.97 -27.51 29.92
CA TRP C 329 -20.89 -26.98 29.09
C TRP C 329 -20.37 -28.01 28.08
N TYR C 330 -20.43 -29.32 28.39
CA TYR C 330 -20.18 -30.33 27.38
C TYR C 330 -21.36 -30.37 26.39
N GLN C 331 -22.56 -30.11 26.92
CA GLN C 331 -23.77 -30.12 26.11
C GLN C 331 -23.77 -28.91 25.17
N ASN C 332 -23.33 -27.75 25.67
CA ASN C 332 -23.27 -26.55 24.86
C ASN C 332 -22.45 -26.81 23.60
N LEU C 333 -21.40 -27.63 23.70
CA LEU C 333 -20.44 -27.86 22.63
C LEU C 333 -20.85 -29.05 21.76
N ARG C 334 -21.80 -29.87 22.22
CA ARG C 334 -22.13 -31.12 21.56
C ARG C 334 -23.54 -31.08 20.94
N GLN C 335 -24.28 -29.98 21.14
CA GLN C 335 -25.69 -29.98 20.79
C GLN C 335 -25.97 -28.93 19.71
N PRO C 336 -26.74 -29.26 18.66
CA PRO C 336 -27.29 -28.25 17.75
C PRO C 336 -27.91 -27.11 18.56
N VAL C 337 -27.95 -25.91 17.99
CA VAL C 337 -28.01 -24.69 18.81
C VAL C 337 -29.42 -24.08 18.84
N ARG C 338 -30.35 -24.58 18.01
CA ARG C 338 -31.76 -24.23 18.17
C ARG C 338 -31.91 -22.74 18.47
N PHE C 339 -31.43 -21.87 17.57
CA PHE C 339 -31.44 -20.44 17.85
C PHE C 339 -32.82 -19.88 17.52
N GLN C 340 -33.29 -20.15 16.31
CA GLN C 340 -34.61 -19.71 15.88
C GLN C 340 -35.64 -20.06 16.94
N GLN C 341 -35.60 -21.32 17.41
CA GLN C 341 -36.58 -21.81 18.37
C GLN C 341 -36.51 -20.94 19.63
N THR C 342 -35.29 -20.67 20.12
CA THR C 342 -35.09 -19.89 21.34
C THR C 342 -35.66 -18.48 21.16
N VAL C 343 -35.39 -17.86 19.99
CA VAL C 343 -35.80 -16.49 19.74
C VAL C 343 -37.33 -16.43 19.69
N ALA C 344 -37.93 -17.37 18.94
CA ALA C 344 -39.37 -17.47 18.80
C ALA C 344 -40.03 -17.42 20.18
N ARG C 345 -39.53 -18.24 21.12
CA ARG C 345 -40.03 -18.24 22.48
C ARG C 345 -39.83 -16.85 23.10
N MET C 346 -38.60 -16.33 22.99
CA MET C 346 -38.25 -15.03 23.57
C MET C 346 -39.20 -13.96 23.06
N ALA C 347 -39.64 -14.11 21.79
CA ALA C 347 -40.67 -13.26 21.20
C ALA C 347 -41.98 -13.41 21.96
N ASP C 348 -42.55 -14.63 21.97
CA ASP C 348 -43.76 -14.98 22.71
C ASP C 348 -43.70 -14.42 24.13
N GLN C 349 -42.50 -14.39 24.72
CA GLN C 349 -42.30 -13.94 26.09
C GLN C 349 -42.19 -12.42 26.18
N GLY C 350 -42.13 -11.72 25.03
CA GLY C 350 -42.31 -10.29 25.00
C GLY C 350 -41.04 -9.50 24.65
N TYR C 351 -39.96 -10.20 24.27
CA TYR C 351 -38.73 -9.52 23.90
C TYR C 351 -38.85 -9.03 22.46
N ARG C 352 -38.78 -7.69 22.27
CA ARG C 352 -38.94 -7.11 20.95
C ARG C 352 -37.78 -6.15 20.62
N PHE C 353 -36.77 -6.09 21.50
CA PHE C 353 -35.49 -5.45 21.18
C PHE C 353 -34.36 -6.45 21.36
N PHE C 354 -33.62 -6.71 20.28
CA PHE C 354 -32.52 -7.67 20.30
C PHE C 354 -31.23 -6.98 19.89
N VAL C 355 -30.30 -6.84 20.84
CA VAL C 355 -29.00 -6.21 20.58
C VAL C 355 -27.96 -7.32 20.46
N GLU C 356 -27.25 -7.37 19.32
CA GLU C 356 -26.20 -8.37 19.14
C GLU C 356 -24.85 -7.75 19.49
N VAL C 357 -24.33 -8.09 20.67
CA VAL C 357 -22.96 -7.76 21.04
C VAL C 357 -22.01 -8.59 20.18
N SER C 358 -21.48 -8.00 19.11
CA SER C 358 -20.71 -8.75 18.14
C SER C 358 -19.75 -7.78 17.44
N PRO C 359 -18.46 -8.14 17.33
CA PRO C 359 -17.52 -7.40 16.49
C PRO C 359 -18.06 -7.28 15.07
N HIS C 360 -18.73 -8.34 14.59
CA HIS C 360 -19.39 -8.30 13.29
C HIS C 360 -20.73 -9.04 13.37
N PRO C 361 -21.83 -8.50 12.80
CA PRO C 361 -23.15 -9.12 12.92
C PRO C 361 -23.20 -10.50 12.28
N LEU C 362 -23.61 -11.51 13.07
CA LEU C 362 -23.68 -12.88 12.58
C LEU C 362 -25.11 -13.40 12.58
N LEU C 363 -25.99 -12.86 13.43
CA LEU C 363 -27.31 -13.46 13.63
C LEU C 363 -28.43 -12.44 13.47
N THR C 364 -28.11 -11.25 12.93
CA THR C 364 -29.07 -10.16 12.85
C THR C 364 -30.26 -10.56 11.97
N ALA C 365 -29.95 -11.18 10.81
CA ALA C 365 -30.95 -11.58 9.83
C ALA C 365 -31.93 -12.57 10.45
N GLY C 366 -31.37 -13.63 11.06
CA GLY C 366 -32.16 -14.70 11.64
C GLY C 366 -33.17 -14.17 12.65
N ILE C 367 -32.70 -13.28 13.54
CA ILE C 367 -33.56 -12.66 14.54
C ILE C 367 -34.71 -11.93 13.84
N GLN C 368 -34.38 -11.14 12.81
CA GLN C 368 -35.38 -10.39 12.06
C GLN C 368 -36.41 -11.33 11.47
N GLU C 369 -35.95 -12.25 10.61
CA GLU C 369 -36.90 -13.17 9.93
C GLU C 369 -37.78 -13.85 10.99
N THR C 370 -37.18 -14.32 12.07
CA THR C 370 -37.96 -15.06 13.10
C THR C 370 -39.02 -14.13 13.71
N LEU C 371 -38.62 -12.92 14.10
CA LEU C 371 -39.58 -12.01 14.78
C LEU C 371 -40.74 -11.73 13.82
N GLU C 372 -40.41 -11.44 12.56
CA GLU C 372 -41.47 -11.08 11.58
C GLU C 372 -42.28 -12.33 11.26
N ALA C 373 -41.64 -13.49 11.28
CA ALA C 373 -42.40 -14.74 11.05
C ALA C 373 -43.55 -14.80 12.06
N ALA C 374 -43.29 -14.38 13.30
CA ALA C 374 -44.34 -14.42 14.34
C ALA C 374 -45.08 -13.09 14.35
N ASP C 375 -45.10 -12.39 13.21
CA ASP C 375 -45.80 -11.09 13.08
C ASP C 375 -45.47 -10.22 14.30
N ALA C 376 -44.24 -10.30 14.81
CA ALA C 376 -43.84 -9.51 15.99
C ALA C 376 -42.59 -8.71 15.63
N GLY C 377 -42.77 -7.65 14.83
CA GLY C 377 -41.62 -6.82 14.43
C GLY C 377 -41.06 -6.06 15.62
N GLY C 378 -39.73 -5.92 15.66
CA GLY C 378 -39.12 -5.14 16.72
C GLY C 378 -37.86 -4.43 16.22
N VAL C 379 -36.83 -4.33 17.05
CA VAL C 379 -35.58 -3.69 16.68
C VAL C 379 -34.45 -4.70 16.83
N VAL C 380 -33.61 -4.86 15.78
CA VAL C 380 -32.50 -5.80 15.82
C VAL C 380 -31.23 -5.08 15.37
N VAL C 381 -30.52 -4.43 16.30
CA VAL C 381 -29.26 -3.79 15.98
C VAL C 381 -28.11 -4.78 16.21
N GLY C 382 -26.95 -4.48 15.62
CA GLY C 382 -25.68 -5.09 16.00
C GLY C 382 -24.85 -4.11 16.83
N SER C 383 -23.51 -4.20 16.73
CA SER C 383 -22.65 -3.32 17.52
C SER C 383 -21.56 -2.73 16.62
N LEU C 384 -20.52 -3.54 16.35
CA LEU C 384 -19.49 -3.18 15.39
C LEU C 384 -19.60 -4.09 14.18
N ARG C 385 -18.77 -3.76 13.16
CA ARG C 385 -18.69 -4.52 11.90
C ARG C 385 -17.21 -4.71 11.55
N ARG C 386 -16.87 -5.67 10.70
CA ARG C 386 -15.50 -5.87 10.25
C ARG C 386 -14.94 -4.55 9.73
N GLY C 387 -13.76 -4.17 10.24
CA GLY C 387 -13.08 -2.96 9.82
C GLY C 387 -13.75 -1.71 10.39
N GLU C 388 -14.89 -1.90 11.05
CA GLU C 388 -15.72 -0.81 11.51
C GLU C 388 -16.02 -0.99 13.00
N GLY C 389 -15.00 -0.83 13.85
CA GLY C 389 -15.18 -0.69 15.29
C GLY C 389 -15.61 0.73 15.64
N GLY C 390 -15.02 1.33 16.68
CA GLY C 390 -14.98 2.78 16.80
C GLY C 390 -16.36 3.40 16.96
N SER C 391 -16.40 4.70 17.27
CA SER C 391 -17.60 5.31 17.81
C SER C 391 -18.74 5.32 16.79
N ARG C 392 -18.40 5.57 15.51
CA ARG C 392 -19.41 5.81 14.49
C ARG C 392 -20.32 4.59 14.36
N ARG C 393 -19.74 3.39 14.21
CA ARG C 393 -20.52 2.19 13.99
C ARG C 393 -21.32 1.90 15.26
N TRP C 394 -20.71 2.15 16.42
CA TRP C 394 -21.40 1.86 17.66
C TRP C 394 -22.55 2.87 17.84
N LEU C 395 -22.25 4.16 17.71
CA LEU C 395 -23.27 5.19 17.91
C LEU C 395 -24.44 4.98 16.97
N THR C 396 -24.18 4.39 15.80
CA THR C 396 -25.24 4.11 14.85
C THR C 396 -26.16 3.04 15.43
N SER C 397 -25.58 2.02 16.07
CA SER C 397 -26.35 0.94 16.64
C SER C 397 -27.19 1.46 17.80
N LEU C 398 -26.55 2.17 18.72
CA LEU C 398 -27.24 2.80 19.83
C LEU C 398 -28.37 3.68 19.32
N ALA C 399 -28.06 4.49 18.30
CA ALA C 399 -29.02 5.42 17.73
C ALA C 399 -30.24 4.66 17.23
N GLU C 400 -30.02 3.57 16.48
CA GLU C 400 -31.13 2.81 15.92
C GLU C 400 -32.08 2.36 17.03
N CYS C 401 -31.62 2.41 18.28
CA CYS C 401 -32.44 2.01 19.42
C CYS C 401 -33.14 3.25 20.01
N GLN C 402 -32.36 4.28 20.36
CA GLN C 402 -32.93 5.52 20.87
C GLN C 402 -34.04 5.98 19.92
N VAL C 403 -33.83 5.79 18.62
CA VAL C 403 -34.77 6.34 17.64
C VAL C 403 -36.07 5.56 17.71
N ARG C 404 -36.01 4.28 18.10
CA ARG C 404 -37.20 3.45 18.14
C ARG C 404 -37.74 3.38 19.56
N GLY C 405 -37.13 4.12 20.51
CA GLY C 405 -37.78 4.49 21.74
C GLY C 405 -37.05 4.01 23.00
N LEU C 406 -35.97 3.26 22.83
CA LEU C 406 -35.19 2.75 23.95
C LEU C 406 -34.62 3.93 24.73
N PRO C 407 -34.74 3.95 26.08
CA PRO C 407 -34.07 4.97 26.88
C PRO C 407 -32.56 4.74 26.82
N VAL C 408 -31.79 5.83 27.06
CA VAL C 408 -30.34 5.86 26.87
C VAL C 408 -29.78 6.91 27.81
N ASN C 409 -28.61 6.62 28.40
CA ASN C 409 -27.95 7.57 29.29
C ASN C 409 -26.89 8.34 28.50
N TRP C 410 -27.32 9.43 27.86
CA TRP C 410 -26.50 10.18 26.94
C TRP C 410 -25.21 10.64 27.61
N GLU C 411 -25.23 10.98 28.90
CA GLU C 411 -24.00 11.45 29.52
C GLU C 411 -22.91 10.40 29.30
N GLN C 412 -23.23 9.15 29.63
CA GLN C 412 -22.29 8.04 29.48
C GLN C 412 -22.00 7.80 28.02
N VAL C 413 -23.03 7.96 27.17
CA VAL C 413 -22.85 7.82 25.75
C VAL C 413 -21.72 8.75 25.32
N PHE C 414 -21.82 10.04 25.67
CA PHE C 414 -20.88 11.07 25.27
C PHE C 414 -19.49 10.82 25.87
N LEU C 415 -19.46 10.25 27.08
CA LEU C 415 -18.21 9.99 27.76
C LEU C 415 -17.41 8.89 27.04
N ASN C 416 -18.11 7.85 26.58
CA ASN C 416 -17.47 6.79 25.82
C ASN C 416 -17.22 7.28 24.39
N THR C 417 -17.99 8.28 23.94
CA THR C 417 -17.78 9.02 22.71
C THR C 417 -17.79 8.07 21.52
#